data_8HJN
#
_entry.id   8HJN
#
_cell.length_a   64.220
_cell.length_b   80.095
_cell.length_c   172.508
_cell.angle_alpha   90.000
_cell.angle_beta   90.000
_cell.angle_gamma   90.000
#
_symmetry.space_group_name_H-M   'P 21 21 21'
#
loop_
_entity.id
_entity.type
_entity.pdbx_description
1 polymer glycosyltransferase
2 non-polymer "URIDINE-5'-DIPHOSPHATE-GLUCOSE"
#
_entity_poly.entity_id   1
_entity_poly.type   'polypeptide(L)'
_entity_poly.pdbx_seq_one_letter_code
;MDAAQQGDTTTILMLPWLGYGHLSAFLELAKSLSRRNFHIYFCSTSVNLDAIKPKLPSSFSDSIQFVELHLPSSPEFPPH
LHTTNGLPPTLMPALHQAFSMAAQHFESILQTLAPHLLIYDSLQPWAPRVASSLKIPAINFNTTGVFVISQGLHPIHYPH
SKFPFSEFVLHNHWKAMYSTADGASTERTRKRGEAFLYCLHASCSVILINSFRELEGKYMDYLSVLLNKKVVPVGPLVYE
PNQDGEDEGYSSIKNWLDKKEPSSTVFVSFGSEYFPSKEEMEEIAHGLEASEVNFIWVVRFPQGDNTSGIEDALPKGFLE
RAGERGMVVKGWAPQAKILKHWSTGGFVSHCGWNSVMESMMFGVPIIGVPMHVDQPFNAGLVEEAGVGVEAKRDPDGKIQ
RDEVAKLIKEVVVEKTREDVRKKAREMSEILRSKGEEKFDEMVAEISLLLKIEHHH
;
_entity_poly.pdbx_strand_id   A,B
#
# COMPACT_ATOMS: atom_id res chain seq x y z
N THR A 9 -17.28 20.14 2.24
CA THR A 9 -17.89 21.26 2.93
C THR A 9 -17.29 21.45 4.33
N THR A 10 -16.44 20.52 4.74
CA THR A 10 -15.70 20.63 5.99
C THR A 10 -14.25 20.96 5.62
N THR A 11 -13.75 22.08 6.14
CA THR A 11 -12.45 22.61 5.73
C THR A 11 -11.44 22.49 6.88
N ILE A 12 -10.26 21.98 6.55
CA ILE A 12 -9.13 21.90 7.47
C ILE A 12 -8.02 22.77 6.92
N LEU A 13 -7.42 23.58 7.77
CA LEU A 13 -6.26 24.37 7.38
C LEU A 13 -5.04 23.72 8.00
N MET A 14 -4.05 23.41 7.18
CA MET A 14 -2.84 22.76 7.63
C MET A 14 -1.71 23.77 7.60
N LEU A 15 -1.00 23.90 8.72
CA LEU A 15 0.14 24.82 8.83
C LEU A 15 1.36 24.02 9.25
N PRO A 16 2.24 23.70 8.31
CA PRO A 16 3.47 22.99 8.67
C PRO A 16 4.51 23.97 9.19
N TRP A 17 5.60 23.42 9.72
CA TRP A 17 6.75 24.23 10.08
C TRP A 17 7.62 24.39 8.83
N LEU A 18 8.40 25.46 8.79
CA LEU A 18 9.26 25.69 7.63
C LEU A 18 10.31 24.59 7.52
N GLY A 19 10.66 24.24 6.29
CA GLY A 19 11.49 23.04 6.29
C GLY A 19 10.84 21.93 5.50
N TYR A 20 11.62 21.41 4.54
CA TYR A 20 11.10 20.48 3.54
C TYR A 20 10.55 19.20 4.16
N GLY A 21 11.25 18.63 5.15
CA GLY A 21 10.83 17.36 5.71
C GLY A 21 9.45 17.48 6.35
N HIS A 22 9.24 18.54 7.11
CA HIS A 22 7.94 18.76 7.73
C HIS A 22 6.88 19.00 6.67
N LEU A 23 7.25 19.78 5.64
CA LEU A 23 6.31 20.19 4.60
C LEU A 23 5.77 18.97 3.85
N SER A 24 6.65 18.02 3.52
CA SER A 24 6.25 16.84 2.76
C SER A 24 5.28 15.98 3.56
N ALA A 25 5.57 15.75 4.85
CA ALA A 25 4.71 14.90 5.67
C ALA A 25 3.32 15.50 5.81
N PHE A 26 3.23 16.82 5.97
CA PHE A 26 1.92 17.46 5.99
C PHE A 26 1.19 17.25 4.67
N LEU A 27 1.92 17.30 3.55
CA LEU A 27 1.29 17.13 2.25
C LEU A 27 0.70 15.74 2.13
N GLU A 28 1.44 14.71 2.57
CA GLU A 28 0.92 13.36 2.50
C GLU A 28 -0.32 13.23 3.38
N LEU A 29 -0.30 13.89 4.55
CA LEU A 29 -1.48 13.91 5.41
C LEU A 29 -2.61 14.64 4.70
N ALA A 30 -2.29 15.73 3.98
CA ALA A 30 -3.31 16.49 3.29
C ALA A 30 -3.98 15.64 2.22
N LYS A 31 -3.18 14.86 1.47
CA LYS A 31 -3.74 14.05 0.40
C LYS A 31 -4.73 13.04 0.95
N SER A 32 -4.38 12.41 2.08
CA SER A 32 -5.25 11.41 2.67
C SER A 32 -6.58 12.03 3.07
N LEU A 33 -6.52 13.21 3.70
CA LEU A 33 -7.73 13.90 4.13
C LEU A 33 -8.57 14.35 2.94
N SER A 34 -7.91 14.79 1.86
CA SER A 34 -8.63 15.22 0.67
C SER A 34 -9.46 14.08 0.08
N ARG A 35 -8.89 12.88 0.07
CA ARG A 35 -9.59 11.73 -0.48
C ARG A 35 -10.75 11.30 0.40
N ARG A 36 -10.86 11.86 1.60
CA ARG A 36 -11.89 11.52 2.57
C ARG A 36 -12.94 12.62 2.69
N ASN A 37 -13.09 13.44 1.65
CA ASN A 37 -14.11 14.49 1.56
C ASN A 37 -13.81 15.69 2.45
N PHE A 38 -12.53 15.95 2.72
CA PHE A 38 -12.12 17.09 3.54
C PHE A 38 -11.49 18.13 2.64
N HIS A 39 -12.00 19.36 2.69
CA HIS A 39 -11.41 20.44 1.91
C HIS A 39 -10.20 20.94 2.67
N ILE A 40 -9.08 21.09 1.99
CA ILE A 40 -7.81 21.38 2.65
C ILE A 40 -7.33 22.75 2.21
N TYR A 41 -6.76 23.49 3.17
CA TYR A 41 -6.07 24.75 2.93
C TYR A 41 -4.64 24.50 3.35
N PHE A 42 -3.71 24.48 2.41
CA PHE A 42 -2.32 24.17 2.72
C PHE A 42 -1.61 25.52 2.83
N CYS A 43 -1.15 25.85 4.03
CA CYS A 43 -0.61 27.17 4.31
C CYS A 43 0.85 27.09 4.71
N SER A 44 1.68 27.92 4.08
CA SER A 44 3.11 28.02 4.36
C SER A 44 3.64 29.20 3.56
N THR A 45 4.96 29.37 3.56
CA THR A 45 5.60 30.44 2.82
C THR A 45 5.67 30.09 1.34
N SER A 46 5.76 31.11 0.50
CA SER A 46 5.74 30.90 -0.95
C SER A 46 6.89 30.01 -1.41
N VAL A 47 8.08 30.19 -0.83
CA VAL A 47 9.23 29.41 -1.26
C VAL A 47 9.00 27.93 -0.97
N ASN A 48 8.46 27.62 0.21
CA ASN A 48 8.17 26.25 0.58
C ASN A 48 7.04 25.69 -0.27
N LEU A 49 6.00 26.49 -0.54
CA LEU A 49 4.86 26.00 -1.29
C LEU A 49 5.26 25.60 -2.70
N ASP A 50 6.10 26.41 -3.34
CA ASP A 50 6.55 26.10 -4.70
C ASP A 50 7.40 24.84 -4.70
N ALA A 51 8.28 24.69 -3.70
CA ALA A 51 9.15 23.52 -3.65
C ALA A 51 8.35 22.23 -3.52
N ILE A 52 7.16 22.30 -2.89
CA ILE A 52 6.37 21.11 -2.61
C ILE A 52 5.29 20.82 -3.66
N LYS A 53 4.92 21.80 -4.50
CA LYS A 53 3.79 21.58 -5.40
C LYS A 53 4.02 20.46 -6.41
N PRO A 54 5.23 20.27 -7.02
CA PRO A 54 5.37 19.18 -8.00
C PRO A 54 4.89 17.84 -7.46
N LYS A 55 5.10 17.58 -6.18
CA LYS A 55 4.67 16.31 -5.60
C LYS A 55 3.16 16.23 -5.45
N LEU A 56 2.45 17.34 -5.62
CA LEU A 56 1.00 17.32 -5.60
C LEU A 56 0.49 17.19 -7.03
N PRO A 57 -0.25 16.13 -7.36
CA PRO A 57 -0.76 15.97 -8.72
C PRO A 57 -1.90 16.93 -9.02
N SER A 58 -2.19 17.04 -10.33
CA SER A 58 -3.21 17.97 -10.80
C SER A 58 -4.59 17.63 -10.26
N SER A 59 -4.84 16.34 -9.98
CA SER A 59 -6.17 15.91 -9.57
C SER A 59 -6.61 16.53 -8.27
N PHE A 60 -5.70 17.14 -7.52
CA PHE A 60 -6.03 17.75 -6.23
C PHE A 60 -6.24 19.25 -6.32
N SER A 61 -6.35 19.80 -7.55
CA SER A 61 -6.49 21.25 -7.66
C SER A 61 -7.80 21.69 -7.04
N ASP A 62 -8.81 20.86 -7.21
CA ASP A 62 -10.14 21.15 -6.70
C ASP A 62 -10.21 21.02 -5.18
N SER A 63 -9.51 20.04 -4.61
CA SER A 63 -9.64 19.79 -3.17
C SER A 63 -8.49 20.28 -2.29
N ILE A 64 -7.32 20.63 -2.82
CA ILE A 64 -6.22 21.15 -1.98
C ILE A 64 -5.78 22.52 -2.49
N GLN A 65 -6.06 23.56 -1.70
CA GLN A 65 -5.80 24.94 -2.08
C GLN A 65 -4.60 25.47 -1.31
N PHE A 66 -3.67 26.12 -2.00
CA PHE A 66 -2.46 26.67 -1.38
C PHE A 66 -2.70 28.08 -0.86
N VAL A 67 -2.28 28.32 0.37
CA VAL A 67 -2.46 29.58 1.09
C VAL A 67 -1.08 30.12 1.48
N GLU A 68 -0.81 31.38 1.15
CA GLU A 68 0.50 31.95 1.40
C GLU A 68 0.52 32.64 2.76
N LEU A 69 1.50 32.28 3.58
CA LEU A 69 1.74 32.96 4.84
C LEU A 69 2.88 33.94 4.62
N HIS A 70 2.65 35.20 4.96
CA HIS A 70 3.63 36.24 4.70
C HIS A 70 4.49 36.45 5.94
N LEU A 71 5.78 36.24 5.77
CA LEU A 71 6.73 36.54 6.82
C LEU A 71 7.25 37.94 6.59
N PRO A 72 7.82 38.59 7.60
CA PRO A 72 8.44 39.90 7.34
C PRO A 72 9.53 39.75 6.30
N SER A 73 9.50 40.62 5.29
CA SER A 73 10.43 40.56 4.18
C SER A 73 11.29 41.80 4.17
N SER A 74 12.57 41.61 3.84
CA SER A 74 13.54 42.67 3.67
C SER A 74 14.35 42.37 2.41
N PRO A 75 15.02 43.38 1.85
CA PRO A 75 15.83 43.12 0.65
C PRO A 75 16.97 42.11 0.80
N GLU A 76 17.64 42.00 1.96
CA GLU A 76 18.64 40.95 2.10
C GLU A 76 18.08 39.70 2.76
N PHE A 77 16.83 39.72 3.21
CA PHE A 77 16.15 38.52 3.70
C PHE A 77 14.82 38.43 2.96
N PRO A 78 14.87 38.11 1.68
CA PRO A 78 13.66 38.02 0.87
C PRO A 78 12.97 36.69 1.05
N PRO A 79 11.72 36.56 0.59
CA PRO A 79 10.95 35.33 0.83
C PRO A 79 11.60 34.04 0.35
N HIS A 80 12.54 34.06 -0.61
CA HIS A 80 13.18 32.79 -0.97
C HIS A 80 13.99 32.20 0.18
N LEU A 81 14.41 33.03 1.14
CA LEU A 81 15.15 32.53 2.30
C LEU A 81 14.23 32.22 3.47
N HIS A 82 12.91 32.35 3.29
CA HIS A 82 11.95 32.12 4.36
C HIS A 82 11.68 30.63 4.49
N THR A 83 12.75 29.84 4.62
CA THR A 83 12.68 28.39 4.74
C THR A 83 14.01 27.89 5.29
N THR A 84 14.01 26.65 5.75
CA THR A 84 15.23 26.03 6.27
C THR A 84 15.97 25.24 5.20
N ASN A 85 15.47 25.20 3.98
CA ASN A 85 16.05 24.40 2.90
C ASN A 85 17.23 25.18 2.32
N GLY A 86 18.43 24.79 2.69
CA GLY A 86 19.62 25.45 2.18
C GLY A 86 19.97 26.72 2.92
N LEU A 87 19.28 26.99 4.03
CA LEU A 87 19.47 28.22 4.76
C LEU A 87 20.79 28.20 5.51
N PRO A 88 21.55 29.30 5.50
CA PRO A 88 22.75 29.37 6.32
C PRO A 88 22.38 29.28 7.79
N PRO A 89 23.16 28.53 8.58
CA PRO A 89 22.78 28.34 10.00
C PRO A 89 22.71 29.64 10.79
N THR A 90 23.53 30.63 10.43
CA THR A 90 23.49 31.91 11.13
C THR A 90 22.13 32.58 10.98
N LEU A 91 21.49 32.42 9.82
CA LEU A 91 20.21 33.08 9.54
C LEU A 91 19.03 32.40 10.20
N MET A 92 19.21 31.21 10.80
CA MET A 92 18.06 30.50 11.36
C MET A 92 17.39 31.27 12.49
N PRO A 93 18.10 31.92 13.42
CA PRO A 93 17.39 32.70 14.45
C PRO A 93 16.48 33.75 13.84
N ALA A 94 16.93 34.39 12.75
CA ALA A 94 16.08 35.36 12.08
C ALA A 94 14.82 34.70 11.56
N LEU A 95 14.95 33.49 11.01
CA LEU A 95 13.80 32.77 10.48
C LEU A 95 12.81 32.46 11.59
N HIS A 96 13.31 32.04 12.76
CA HIS A 96 12.42 31.78 13.89
C HIS A 96 11.71 33.07 14.32
N GLN A 97 12.43 34.19 14.33
CA GLN A 97 11.81 35.47 14.65
C GLN A 97 10.75 35.82 13.61
N ALA A 98 11.10 35.68 12.32
CA ALA A 98 10.19 36.09 11.26
C ALA A 98 8.92 35.25 11.32
N PHE A 99 9.05 33.96 11.60
CA PHE A 99 7.89 33.08 11.66
C PHE A 99 6.96 33.52 12.79
N SER A 100 7.54 33.83 13.96
CA SER A 100 6.75 34.27 15.10
C SER A 100 6.03 35.58 14.78
N MET A 101 6.72 36.48 14.10
CA MET A 101 6.18 37.80 13.77
C MET A 101 5.08 37.73 12.72
N ALA A 102 4.81 36.55 12.16
CA ALA A 102 3.74 36.36 11.18
C ALA A 102 2.42 35.97 11.83
N ALA A 103 2.37 35.93 13.17
CA ALA A 103 1.16 35.45 13.84
C ALA A 103 -0.05 36.30 13.47
N GLN A 104 0.14 37.62 13.39
CA GLN A 104 -0.99 38.49 13.10
C GLN A 104 -1.55 38.24 11.71
N HIS A 105 -0.67 37.95 10.73
CA HIS A 105 -1.16 37.61 9.40
C HIS A 105 -1.91 36.29 9.44
N PHE A 106 -1.44 35.36 10.27
CA PHE A 106 -2.11 34.07 10.40
C PHE A 106 -3.55 34.28 10.85
N GLU A 107 -3.78 35.22 11.77
CA GLU A 107 -5.13 35.51 12.21
C GLU A 107 -6.00 35.96 11.05
N SER A 108 -5.47 36.87 10.20
CA SER A 108 -6.26 37.39 9.10
C SER A 108 -6.65 36.27 8.16
N ILE A 109 -5.72 35.36 7.90
CA ILE A 109 -6.00 34.22 7.05
C ILE A 109 -7.03 33.32 7.72
N LEU A 110 -6.78 33.03 8.99
CA LEU A 110 -7.60 32.08 9.75
C LEU A 110 -9.03 32.59 9.87
N GLN A 111 -9.18 33.89 10.19
CA GLN A 111 -10.52 34.46 10.34
C GLN A 111 -11.24 34.49 9.00
N THR A 112 -10.51 34.74 7.92
CA THR A 112 -11.10 34.87 6.61
C THR A 112 -11.41 33.53 5.97
N LEU A 113 -10.73 32.48 6.39
CA LEU A 113 -10.96 31.18 5.79
C LEU A 113 -11.95 30.36 6.61
N ALA A 114 -12.08 30.67 7.88
CA ALA A 114 -13.05 30.04 8.78
C ALA A 114 -12.92 28.52 8.74
N PRO A 115 -11.73 27.96 8.94
CA PRO A 115 -11.59 26.52 8.86
C PRO A 115 -12.25 25.86 10.06
N HIS A 116 -12.85 24.70 9.83
CA HIS A 116 -13.45 23.96 10.94
C HIS A 116 -12.39 23.35 11.82
N LEU A 117 -11.21 23.04 11.28
CA LEU A 117 -10.13 22.44 12.05
C LEU A 117 -8.80 23.02 11.59
N LEU A 118 -7.87 23.12 12.53
CA LEU A 118 -6.49 23.51 12.25
C LEU A 118 -5.59 22.37 12.66
N ILE A 119 -4.69 21.96 11.76
CA ILE A 119 -3.66 20.99 12.05
C ILE A 119 -2.34 21.74 12.00
N TYR A 120 -1.59 21.70 13.10
CA TYR A 120 -0.39 22.51 13.21
C TYR A 120 0.81 21.65 13.60
N ASP A 121 2.00 22.19 13.35
CA ASP A 121 3.25 21.52 13.61
C ASP A 121 3.68 21.78 15.04
N SER A 122 4.76 21.11 15.45
CA SER A 122 5.20 21.12 16.84
C SER A 122 6.24 22.20 17.13
N LEU A 123 6.35 23.22 16.29
N LEU A 123 6.45 23.16 16.23
CA LEU A 123 7.36 24.24 16.46
CA LEU A 123 7.39 24.25 16.52
C LEU A 123 6.78 25.65 16.38
C LEU A 123 6.79 25.66 16.43
N GLN A 124 5.46 25.79 16.42
CA GLN A 124 4.81 27.10 16.38
C GLN A 124 3.73 27.22 17.45
N PRO A 125 4.12 27.46 18.70
CA PRO A 125 3.12 27.54 19.79
C PRO A 125 2.11 28.66 19.61
N TRP A 126 2.44 29.71 18.85
CA TRP A 126 1.49 30.77 18.58
C TRP A 126 0.30 30.28 17.74
N ALA A 127 0.49 29.21 16.96
CA ALA A 127 -0.58 28.77 16.07
C ALA A 127 -1.78 28.21 16.83
N PRO A 128 -1.63 27.32 17.82
CA PRO A 128 -2.83 26.89 18.57
C PRO A 128 -3.48 28.03 19.33
N ARG A 129 -2.67 28.91 19.93
CA ARG A 129 -3.22 30.02 20.69
C ARG A 129 -4.02 30.96 19.80
N VAL A 130 -3.53 31.24 18.59
CA VAL A 130 -4.31 32.07 17.68
C VAL A 130 -5.64 31.39 17.36
N ALA A 131 -5.61 30.07 17.15
CA ALA A 131 -6.84 29.35 16.82
C ALA A 131 -7.82 29.40 17.98
N SER A 132 -7.32 29.24 19.20
CA SER A 132 -8.18 29.28 20.38
C SER A 132 -8.87 30.63 20.47
N SER A 133 -8.13 31.71 20.17
CA SER A 133 -8.68 33.06 20.28
C SER A 133 -9.86 33.25 19.34
N LEU A 134 -9.89 32.51 18.23
CA LEU A 134 -10.91 32.65 17.21
C LEU A 134 -11.91 31.50 17.25
N LYS A 135 -11.90 30.69 18.33
CA LYS A 135 -12.83 29.58 18.53
C LYS A 135 -12.70 28.56 17.40
N ILE A 136 -11.46 28.18 17.11
CA ILE A 136 -11.14 27.20 16.07
C ILE A 136 -10.43 26.01 16.71
N PRO A 137 -10.90 24.79 16.46
CA PRO A 137 -10.21 23.60 16.96
C PRO A 137 -8.82 23.43 16.36
N ALA A 138 -7.90 22.89 17.16
CA ALA A 138 -6.53 22.71 16.70
C ALA A 138 -5.99 21.39 17.21
N ILE A 139 -5.32 20.64 16.33
CA ILE A 139 -4.73 19.35 16.69
C ILE A 139 -3.27 19.36 16.26
N ASN A 140 -2.41 18.79 17.11
CA ASN A 140 -0.97 18.80 16.87
C ASN A 140 -0.57 17.60 16.04
N PHE A 141 0.21 17.84 14.98
CA PHE A 141 0.76 16.79 14.15
C PHE A 141 2.27 16.83 14.28
N ASN A 142 2.86 15.73 14.74
CA ASN A 142 4.30 15.65 14.99
C ASN A 142 4.92 14.81 13.87
N THR A 143 5.68 15.46 12.99
CA THR A 143 6.24 14.77 11.84
C THR A 143 7.40 13.84 12.20
N THR A 144 8.03 14.02 13.36
CA THR A 144 9.21 13.25 13.72
C THR A 144 8.85 12.11 14.68
N GLY A 145 9.88 11.35 15.07
CA GLY A 145 9.65 10.12 15.82
C GLY A 145 9.25 10.34 17.27
N VAL A 146 8.74 9.26 17.86
CA VAL A 146 8.28 9.26 19.25
C VAL A 146 9.42 8.94 20.21
N PHE A 147 10.44 8.21 19.73
CA PHE A 147 11.51 7.75 20.61
C PHE A 147 12.19 8.94 21.27
N VAL A 148 12.50 9.97 20.49
CA VAL A 148 13.19 11.13 21.02
C VAL A 148 12.32 11.82 22.06
N ILE A 149 11.03 11.98 21.75
CA ILE A 149 10.13 12.72 22.63
C ILE A 149 10.00 12.02 23.97
N SER A 150 9.80 10.70 23.94
CA SER A 150 9.62 9.95 25.18
C SER A 150 10.87 10.00 26.03
N GLN A 151 12.04 9.87 25.39
CA GLN A 151 13.30 9.89 26.13
C GLN A 151 13.49 11.24 26.80
N GLY A 152 13.05 12.31 26.13
CA GLY A 152 13.16 13.64 26.72
C GLY A 152 12.30 13.82 27.95
N LEU A 153 11.06 13.32 27.91
CA LEU A 153 10.14 13.51 29.02
C LEU A 153 10.31 12.50 30.15
N HIS A 154 11.03 11.41 29.91
CA HIS A 154 11.15 10.38 30.95
C HIS A 154 11.82 10.92 32.21
N PRO A 155 12.93 11.66 32.14
CA PRO A 155 13.58 12.08 33.40
C PRO A 155 12.72 12.99 34.26
N ILE A 156 11.80 13.76 33.67
CA ILE A 156 11.03 14.72 34.46
C ILE A 156 10.21 13.98 35.52
N HIS A 157 9.64 12.84 35.17
CA HIS A 157 8.78 12.08 36.07
C HIS A 157 9.58 11.04 36.84
N TYR A 158 10.50 10.37 36.15
CA TYR A 158 11.32 9.31 36.74
C TYR A 158 12.80 9.64 36.55
N PRO A 159 13.32 10.63 37.28
CA PRO A 159 14.75 10.93 37.19
C PRO A 159 15.55 9.81 37.81
N HIS A 160 14.83 8.96 38.55
CA HIS A 160 15.40 7.89 39.34
C HIS A 160 15.87 6.76 38.44
N SER A 161 14.94 6.19 37.68
CA SER A 161 15.09 5.02 36.84
C SER A 161 15.68 5.38 35.48
N LYS A 162 16.05 4.31 34.75
CA LYS A 162 16.57 4.35 33.40
C LYS A 162 15.39 4.35 32.43
N PHE A 163 15.68 4.53 31.15
CA PHE A 163 14.60 4.41 30.18
C PHE A 163 14.07 2.99 30.24
N PRO A 164 12.75 2.80 30.39
CA PRO A 164 12.24 1.43 30.64
C PRO A 164 12.44 0.41 29.53
N PHE A 165 12.11 0.72 28.27
CA PHE A 165 12.07 -0.33 27.27
C PHE A 165 13.24 -0.32 26.29
N SER A 166 14.20 0.58 26.43
CA SER A 166 15.28 0.67 25.46
C SER A 166 16.62 0.39 26.14
N GLU A 167 17.54 -0.22 25.39
CA GLU A 167 18.87 -0.48 25.90
C GLU A 167 19.86 0.55 25.35
N PHE A 168 19.36 1.52 24.59
CA PHE A 168 20.17 2.54 23.97
C PHE A 168 20.56 3.58 25.01
N VAL A 169 21.82 4.02 24.97
CA VAL A 169 22.30 5.09 25.83
C VAL A 169 22.99 6.14 24.97
N LEU A 170 22.67 7.41 25.21
CA LEU A 170 23.18 8.50 24.39
C LEU A 170 24.69 8.65 24.59
N HIS A 171 25.37 9.09 23.54
CA HIS A 171 26.81 9.29 23.62
C HIS A 171 27.12 10.65 24.25
N ASN A 172 28.35 10.79 24.74
CA ASN A 172 28.71 12.00 25.49
C ASN A 172 28.75 13.26 24.61
N HIS A 173 28.97 13.12 23.30
CA HIS A 173 29.10 14.31 22.47
C HIS A 173 27.80 15.10 22.46
N TRP A 174 26.66 14.41 22.39
CA TRP A 174 25.38 15.07 22.25
C TRP A 174 24.72 15.35 23.60
N LYS A 175 25.22 14.75 24.68
CA LYS A 175 24.70 15.05 26.01
C LYS A 175 24.87 16.53 26.34
N ALA A 176 26.06 17.07 26.10
CA ALA A 176 26.36 18.51 26.18
C ALA A 176 25.86 19.14 27.49
N GLU A 187 14.01 28.07 21.88
CA GLU A 187 15.15 27.22 22.18
C GLU A 187 14.71 26.12 23.15
N ARG A 188 15.69 25.40 23.71
CA ARG A 188 15.39 24.40 24.74
C ARG A 188 14.61 25.01 25.89
N THR A 189 14.92 26.26 26.24
CA THR A 189 14.19 26.98 27.29
C THR A 189 12.69 26.93 26.98
N ARG A 190 12.31 27.28 25.75
CA ARG A 190 10.89 27.35 25.42
C ARG A 190 10.30 25.97 25.22
N LYS A 191 11.15 24.96 25.01
CA LYS A 191 10.64 23.61 24.78
C LYS A 191 10.36 22.89 26.09
N ARG A 192 11.05 23.26 27.16
CA ARG A 192 10.71 22.70 28.45
C ARG A 192 9.59 23.43 29.12
N GLY A 193 8.82 24.17 28.33
CA GLY A 193 7.65 24.89 28.79
C GLY A 193 6.51 24.36 27.95
N GLU A 194 6.87 23.59 26.91
CA GLU A 194 5.88 22.92 26.08
C GLU A 194 5.56 21.55 26.64
N ALA A 195 6.41 21.04 27.54
CA ALA A 195 6.24 19.72 28.13
C ALA A 195 5.35 19.78 29.36
N PHE A 196 4.90 20.98 29.73
CA PHE A 196 4.01 21.22 30.85
C PHE A 196 2.77 21.94 30.36
N LEU A 197 2.67 22.12 29.04
CA LEU A 197 1.54 22.76 28.39
C LEU A 197 0.23 22.27 28.97
N TYR A 198 -0.60 23.19 29.41
CA TYR A 198 -1.88 22.80 29.98
C TYR A 198 -2.80 22.39 28.84
N CYS A 199 -3.75 21.52 29.17
CA CYS A 199 -4.78 21.16 28.22
C CYS A 199 -6.11 21.15 28.96
N LEU A 200 -7.07 21.94 28.48
CA LEU A 200 -8.42 21.89 29.02
C LEU A 200 -9.48 21.89 27.92
N HIS A 201 -9.17 21.28 26.78
CA HIS A 201 -10.16 21.13 25.72
C HIS A 201 -9.82 19.90 24.89
N ALA A 202 -10.78 19.46 24.06
CA ALA A 202 -10.58 18.27 23.25
C ALA A 202 -9.54 18.47 22.16
N SER A 203 -9.28 19.71 21.75
CA SER A 203 -8.36 19.94 20.65
C SER A 203 -7.02 19.29 20.95
N CYS A 204 -6.59 19.40 22.20
CA CYS A 204 -5.34 18.86 22.73
C CYS A 204 -5.50 17.49 23.39
N SER A 205 -6.64 16.83 23.21
CA SER A 205 -6.83 15.48 23.72
C SER A 205 -6.04 14.45 22.92
N VAL A 206 -5.64 14.78 21.69
CA VAL A 206 -5.02 13.83 20.78
C VAL A 206 -3.84 14.51 20.10
N ILE A 207 -2.86 13.70 19.71
CA ILE A 207 -1.74 14.14 18.89
C ILE A 207 -1.62 13.19 17.71
N LEU A 208 -1.30 13.75 16.54
CA LEU A 208 -1.04 12.93 15.37
C LEU A 208 0.48 12.78 15.27
N ILE A 209 0.93 11.57 14.96
CA ILE A 209 2.35 11.28 14.93
C ILE A 209 2.70 10.53 13.65
N ASN A 210 3.81 10.93 13.02
CA ASN A 210 4.31 10.28 11.82
C ASN A 210 5.19 9.10 12.20
N SER A 211 4.55 8.04 12.69
CA SER A 211 5.24 6.81 13.04
C SER A 211 4.23 5.66 13.05
N PHE A 212 4.74 4.45 13.26
CA PHE A 212 3.94 3.24 13.28
C PHE A 212 4.40 2.35 14.43
N ARG A 213 3.46 1.57 14.97
CA ARG A 213 3.74 0.79 16.18
C ARG A 213 4.79 -0.30 15.98
N GLU A 214 4.97 -0.81 14.76
CA GLU A 214 5.91 -1.92 14.61
C GLU A 214 7.32 -1.50 14.99
N LEU A 215 7.60 -0.20 14.98
CA LEU A 215 8.89 0.38 15.33
C LEU A 215 8.88 1.08 16.69
N GLU A 216 7.82 1.83 16.99
CA GLU A 216 7.74 2.63 18.21
C GLU A 216 6.46 2.36 19.00
N GLY A 217 5.93 1.14 18.93
CA GLY A 217 4.67 0.86 19.61
C GLY A 217 4.81 1.02 21.11
N LYS A 218 5.88 0.48 21.66
CA LYS A 218 6.11 0.52 23.11
C LYS A 218 6.30 1.97 23.57
N TYR A 219 7.05 2.76 22.80
CA TYR A 219 7.27 4.17 23.12
C TYR A 219 5.98 4.99 23.01
N MET A 220 5.12 4.64 22.03
CA MET A 220 3.85 5.35 21.90
C MET A 220 2.98 5.12 23.13
N ASP A 221 2.96 3.88 23.63
CA ASP A 221 2.19 3.59 24.84
C ASP A 221 2.76 4.36 26.02
N TYR A 222 4.08 4.40 26.15
CA TYR A 222 4.71 5.14 27.24
C TYR A 222 4.43 6.62 27.11
N LEU A 223 4.56 7.18 25.91
CA LEU A 223 4.36 8.62 25.74
C LEU A 223 2.95 9.01 26.08
N SER A 224 1.98 8.13 25.79
CA SER A 224 0.58 8.42 26.09
C SER A 224 0.39 8.60 27.58
N VAL A 225 1.05 7.75 28.38
CA VAL A 225 0.98 7.86 29.83
C VAL A 225 1.66 9.14 30.30
N LEU A 226 2.82 9.46 29.72
CA LEU A 226 3.59 10.61 30.16
C LEU A 226 2.82 11.91 29.93
N LEU A 227 2.14 12.02 28.80
CA LEU A 227 1.43 13.25 28.43
C LEU A 227 -0.04 13.24 28.82
N ASN A 228 -0.60 12.08 29.18
CA ASN A 228 -2.03 11.96 29.50
C ASN A 228 -2.89 12.33 28.29
N LYS A 229 -2.42 11.97 27.10
CA LYS A 229 -3.11 12.35 25.88
C LYS A 229 -3.11 11.19 24.90
N LYS A 230 -4.06 11.23 23.97
CA LYS A 230 -4.17 10.18 22.96
C LYS A 230 -3.05 10.33 21.96
N VAL A 231 -2.37 9.23 21.66
CA VAL A 231 -1.32 9.21 20.63
C VAL A 231 -1.86 8.39 19.47
N VAL A 232 -2.10 9.06 18.34
CA VAL A 232 -2.68 8.41 17.16
C VAL A 232 -1.61 8.35 16.08
N PRO A 233 -1.13 7.16 15.71
CA PRO A 233 -0.19 7.07 14.59
C PRO A 233 -0.88 7.18 13.24
N VAL A 234 -0.26 7.93 12.33
CA VAL A 234 -0.78 8.09 10.97
C VAL A 234 0.32 7.85 9.95
N GLY A 235 1.46 7.33 10.41
CA GLY A 235 2.59 7.12 9.52
C GLY A 235 2.82 5.66 9.20
N PRO A 236 3.89 5.37 8.44
CA PRO A 236 4.76 6.40 7.85
C PRO A 236 4.16 7.05 6.62
N LEU A 237 4.54 8.31 6.39
CA LEU A 237 4.05 9.09 5.25
C LEU A 237 5.21 9.30 4.29
N VAL A 238 5.44 8.31 3.43
CA VAL A 238 6.49 8.37 2.42
C VAL A 238 5.85 8.64 1.07
N TYR A 239 6.53 9.40 0.22
CA TYR A 239 6.05 9.69 -1.12
C TYR A 239 6.72 8.76 -2.11
N GLU A 240 5.93 7.92 -2.76
CA GLU A 240 6.44 7.00 -3.78
C GLU A 240 6.56 7.73 -5.11
N PRO A 241 7.75 7.91 -5.67
CA PRO A 241 7.88 8.67 -6.91
C PRO A 241 7.76 7.77 -8.15
N GLU A 246 9.37 13.91 -12.28
CA GLU A 246 9.66 14.66 -13.49
C GLU A 246 10.85 14.08 -14.24
N ASP A 247 11.67 13.29 -13.54
CA ASP A 247 12.88 12.70 -14.11
C ASP A 247 13.88 13.80 -14.47
N GLU A 248 13.86 14.86 -13.66
CA GLU A 248 14.69 16.04 -13.93
C GLU A 248 16.18 15.69 -13.91
N GLY A 249 16.65 15.06 -12.84
CA GLY A 249 18.05 14.70 -12.77
C GLY A 249 18.18 13.20 -12.86
N TYR A 250 17.04 12.50 -12.77
CA TYR A 250 17.08 11.04 -12.73
C TYR A 250 17.60 10.45 -14.03
N SER A 251 17.40 11.15 -15.15
CA SER A 251 17.77 10.59 -16.46
C SER A 251 19.25 10.24 -16.49
N SER A 252 20.10 11.18 -16.06
CA SER A 252 21.54 10.93 -16.06
C SER A 252 21.89 9.92 -14.98
N ILE A 253 21.26 10.04 -13.81
CA ILE A 253 21.57 9.16 -12.68
C ILE A 253 21.12 7.74 -12.97
N LYS A 254 19.91 7.56 -13.52
CA LYS A 254 19.44 6.22 -13.83
C LYS A 254 20.34 5.58 -14.88
N ASN A 255 20.79 6.38 -15.85
CA ASN A 255 21.67 5.86 -16.90
C ASN A 255 22.93 5.29 -16.26
N TRP A 256 23.50 6.03 -15.33
CA TRP A 256 24.72 5.62 -14.63
C TRP A 256 24.43 4.44 -13.71
N LEU A 257 23.29 4.48 -13.00
CA LEU A 257 22.98 3.45 -12.02
C LEU A 257 22.77 2.08 -12.68
N ASP A 258 22.17 2.07 -13.87
CA ASP A 258 21.84 0.79 -14.52
C ASP A 258 23.09 0.01 -14.90
N LYS A 259 24.23 0.67 -15.03
CA LYS A 259 25.47 0.01 -15.41
C LYS A 259 26.11 -0.73 -14.25
N LYS A 260 25.58 -0.58 -13.04
CA LYS A 260 26.17 -1.15 -11.84
C LYS A 260 25.44 -2.44 -11.48
N GLU A 261 26.11 -3.28 -10.71
CA GLU A 261 25.51 -4.55 -10.34
C GLU A 261 24.46 -4.33 -9.25
N PRO A 262 23.54 -5.27 -9.06
CA PRO A 262 22.49 -5.08 -8.05
C PRO A 262 23.06 -4.96 -6.65
N SER A 263 22.47 -4.04 -5.86
CA SER A 263 22.82 -3.84 -4.46
C SER A 263 24.30 -3.49 -4.29
N SER A 264 24.84 -2.72 -5.23
CA SER A 264 26.26 -2.39 -5.22
C SER A 264 26.56 -0.94 -4.89
N THR A 265 25.55 -0.07 -4.79
CA THR A 265 25.76 1.36 -4.64
C THR A 265 25.11 1.86 -3.35
N VAL A 266 25.75 2.85 -2.73
CA VAL A 266 25.23 3.51 -1.53
C VAL A 266 24.82 4.92 -1.89
N PHE A 267 23.74 5.39 -1.30
CA PHE A 267 23.32 6.78 -1.43
C PHE A 267 23.77 7.50 -0.16
N VAL A 268 24.35 8.68 -0.31
CA VAL A 268 24.86 9.44 0.82
C VAL A 268 24.19 10.80 0.85
N SER A 269 23.39 11.07 1.88
CA SER A 269 22.73 12.35 2.07
C SER A 269 22.72 12.72 3.55
N PHE A 270 22.89 14.01 3.82
CA PHE A 270 22.87 14.52 5.19
C PHE A 270 21.77 15.56 5.41
N GLY A 271 20.78 15.60 4.53
CA GLY A 271 19.62 16.44 4.72
C GLY A 271 19.71 17.77 4.01
N SER A 272 18.74 18.64 4.34
CA SER A 272 18.64 19.98 3.77
C SER A 272 18.92 21.09 4.78
N GLU A 273 19.03 20.76 6.07
CA GLU A 273 19.18 21.75 7.13
C GLU A 273 20.50 21.59 7.87
N TYR A 274 21.42 20.79 7.37
CA TYR A 274 22.74 20.66 7.98
C TYR A 274 23.80 20.54 6.90
N PHE A 275 24.90 21.25 7.09
CA PHE A 275 26.02 21.24 6.16
C PHE A 275 27.23 20.67 6.88
N PRO A 276 27.69 19.47 6.53
CA PRO A 276 28.82 18.86 7.26
C PRO A 276 30.09 19.69 7.19
N SER A 277 30.94 19.51 8.19
CA SER A 277 32.18 20.26 8.31
C SER A 277 33.20 19.78 7.26
N LYS A 278 34.29 20.53 7.15
CA LYS A 278 35.36 20.14 6.24
C LYS A 278 36.01 18.84 6.69
N GLU A 279 36.25 18.71 7.99
CA GLU A 279 36.82 17.47 8.53
C GLU A 279 35.83 16.32 8.41
N GLU A 280 34.55 16.58 8.69
CA GLU A 280 33.55 15.52 8.67
C GLU A 280 33.45 14.91 7.27
N MET A 281 33.38 15.77 6.25
CA MET A 281 33.24 15.26 4.89
C MET A 281 34.51 14.57 4.42
N GLU A 282 35.68 15.01 4.90
CA GLU A 282 36.91 14.31 4.57
C GLU A 282 36.89 12.89 5.12
N GLU A 283 36.39 12.72 6.35
CA GLU A 283 36.37 11.40 6.95
C GLU A 283 35.43 10.48 6.18
N ILE A 284 34.24 10.99 5.84
CA ILE A 284 33.26 10.19 5.12
C ILE A 284 33.74 9.89 3.71
N ALA A 285 34.38 10.87 3.06
CA ALA A 285 34.89 10.63 1.71
C ALA A 285 35.94 9.54 1.73
N HIS A 286 36.88 9.61 2.68
CA HIS A 286 37.91 8.58 2.77
C HIS A 286 37.30 7.25 3.15
N GLY A 287 36.29 7.27 4.03
CA GLY A 287 35.61 6.05 4.39
C GLY A 287 34.96 5.39 3.20
N LEU A 288 34.35 6.20 2.33
CA LEU A 288 33.75 5.68 1.10
C LEU A 288 34.83 5.08 0.20
N GLU A 289 35.97 5.76 0.06
CA GLU A 289 37.01 5.27 -0.84
C GLU A 289 37.57 3.94 -0.38
N ALA A 290 37.80 3.80 0.94
CA ALA A 290 38.37 2.58 1.48
C ALA A 290 37.43 1.40 1.27
N SER A 291 36.12 1.65 1.37
CA SER A 291 35.13 0.59 1.21
C SER A 291 35.12 0.01 -0.20
N GLU A 292 35.49 0.81 -1.21
CA GLU A 292 35.53 0.44 -2.62
C GLU A 292 34.15 0.33 -3.23
N VAL A 293 33.13 0.85 -2.55
CA VAL A 293 31.74 0.74 -3.00
C VAL A 293 31.45 1.80 -4.05
N ASN A 294 30.35 1.61 -4.77
CA ASN A 294 29.83 2.65 -5.67
C ASN A 294 28.99 3.59 -4.82
N PHE A 295 29.00 4.88 -5.19
CA PHE A 295 28.25 5.80 -4.35
C PHE A 295 27.72 6.98 -5.15
N ILE A 296 26.56 7.46 -4.72
CA ILE A 296 25.98 8.71 -5.20
C ILE A 296 25.86 9.58 -3.97
N TRP A 297 26.56 10.72 -3.98
CA TRP A 297 26.67 11.57 -2.81
C TRP A 297 26.13 12.95 -3.14
N VAL A 298 25.12 13.38 -2.40
CA VAL A 298 24.58 14.74 -2.55
C VAL A 298 25.35 15.65 -1.62
N VAL A 299 26.11 16.59 -2.19
CA VAL A 299 26.88 17.56 -1.42
C VAL A 299 26.23 18.91 -1.66
N ARG A 300 26.00 19.67 -0.58
CA ARG A 300 25.26 20.91 -0.69
C ARG A 300 26.04 22.05 -0.05
N PHE A 301 25.75 23.24 -0.51
CA PHE A 301 26.32 24.48 -0.02
C PHE A 301 25.18 25.43 0.30
N PRO A 302 25.37 26.30 1.30
CA PRO A 302 24.26 27.17 1.73
C PRO A 302 23.76 28.05 0.60
N GLN A 303 22.51 28.48 0.73
CA GLN A 303 21.88 29.28 -0.32
C GLN A 303 22.63 30.60 -0.52
N GLY A 304 23.32 31.07 0.52
CA GLY A 304 23.98 32.37 0.44
C GLY A 304 25.03 32.45 -0.65
N ASP A 305 25.90 31.44 -0.73
CA ASP A 305 27.01 31.49 -1.69
C ASP A 305 26.70 30.63 -2.92
N GLU A 311 34.43 20.41 -4.91
CA GLU A 311 35.77 19.91 -5.24
C GLU A 311 36.75 20.15 -4.09
N ASP A 312 36.78 21.40 -3.61
CA ASP A 312 37.62 21.71 -2.45
C ASP A 312 37.07 21.03 -1.19
N ALA A 313 35.75 21.04 -1.01
CA ALA A 313 35.16 20.49 0.20
C ALA A 313 35.50 19.01 0.35
N LEU A 314 35.50 18.27 -0.75
CA LEU A 314 35.96 16.89 -0.71
C LEU A 314 37.48 16.89 -0.75
N PRO A 315 38.11 15.80 -0.32
CA PRO A 315 39.57 15.80 -0.27
C PRO A 315 40.18 16.03 -1.64
N LYS A 316 41.30 16.74 -1.66
CA LYS A 316 41.96 17.03 -2.93
C LYS A 316 42.36 15.71 -3.56
N GLY A 317 41.77 15.40 -4.71
CA GLY A 317 42.08 14.19 -5.42
C GLY A 317 41.19 13.03 -5.05
N PHE A 318 40.19 13.25 -4.18
CA PHE A 318 39.29 12.18 -3.74
C PHE A 318 38.70 11.46 -4.95
N LEU A 319 38.09 12.23 -5.87
CA LEU A 319 37.43 11.64 -7.03
C LEU A 319 38.50 11.13 -7.99
N GLU A 320 39.11 9.99 -7.62
CA GLU A 320 40.19 9.35 -8.36
C GLU A 320 39.92 7.87 -8.45
N ARG A 321 40.08 7.14 -7.34
CA ARG A 321 39.69 5.75 -7.34
C ARG A 321 38.20 5.69 -7.55
N ALA A 322 37.49 6.66 -6.97
CA ALA A 322 36.08 6.85 -7.20
C ALA A 322 35.94 7.75 -8.44
N GLY A 323 36.34 7.20 -9.60
CA GLY A 323 36.18 7.89 -10.88
C GLY A 323 34.76 7.68 -11.33
N GLU A 324 34.47 6.52 -11.92
CA GLU A 324 33.13 6.19 -12.37
C GLU A 324 32.48 5.24 -11.38
N ARG A 325 33.09 5.07 -10.22
CA ARG A 325 32.55 4.31 -9.11
C ARG A 325 31.90 5.25 -8.10
N GLY A 326 31.78 6.53 -8.43
CA GLY A 326 31.11 7.47 -7.55
C GLY A 326 30.58 8.66 -8.32
N MET A 327 29.53 9.26 -7.77
CA MET A 327 28.91 10.48 -8.31
C MET A 327 28.67 11.44 -7.17
N VAL A 328 28.98 12.72 -7.40
CA VAL A 328 28.68 13.77 -6.45
C VAL A 328 27.69 14.72 -7.11
N VAL A 329 26.47 14.74 -6.61
CA VAL A 329 25.41 15.58 -7.16
C VAL A 329 25.42 16.90 -6.39
N LYS A 330 25.25 18.00 -7.12
CA LYS A 330 25.31 19.33 -6.55
C LYS A 330 23.91 19.89 -6.40
N GLY A 331 23.61 20.38 -5.19
CA GLY A 331 22.32 20.99 -4.92
C GLY A 331 21.19 20.07 -4.47
N TRP A 332 20.71 19.19 -5.35
CA TRP A 332 19.55 18.39 -5.01
C TRP A 332 19.53 17.15 -5.90
N ALA A 333 19.01 16.05 -5.36
CA ALA A 333 18.96 14.79 -6.07
C ALA A 333 17.62 14.11 -5.83
N PRO A 334 17.23 13.15 -6.69
CA PRO A 334 16.00 12.38 -6.44
C PRO A 334 16.26 11.26 -5.45
N GLN A 335 16.14 11.57 -4.15
CA GLN A 335 16.49 10.59 -3.12
C GLN A 335 15.58 9.37 -3.18
N ALA A 336 14.27 9.58 -3.32
CA ALA A 336 13.35 8.45 -3.31
C ALA A 336 13.59 7.53 -4.50
N LYS A 337 13.80 8.10 -5.69
CA LYS A 337 14.01 7.29 -6.88
C LYS A 337 15.30 6.48 -6.79
N ILE A 338 16.37 7.11 -6.29
CA ILE A 338 17.65 6.42 -6.17
C ILE A 338 17.55 5.26 -5.19
N LEU A 339 16.86 5.48 -4.07
CA LEU A 339 16.78 4.45 -3.04
C LEU A 339 15.95 3.26 -3.48
N LYS A 340 15.03 3.44 -4.43
CA LYS A 340 14.19 2.37 -4.93
C LYS A 340 14.82 1.62 -6.09
N HIS A 341 15.97 2.07 -6.56
CA HIS A 341 16.70 1.37 -7.60
C HIS A 341 17.23 0.04 -7.04
N TRP A 342 17.44 -0.93 -7.92
CA TRP A 342 17.88 -2.24 -7.46
C TRP A 342 19.39 -2.34 -7.37
N SER A 343 20.10 -1.29 -7.76
CA SER A 343 21.55 -1.22 -7.63
C SER A 343 21.96 -0.66 -6.27
N THR A 344 21.02 -0.07 -5.53
CA THR A 344 21.29 0.54 -4.24
C THR A 344 21.14 -0.50 -3.13
N GLY A 345 22.22 -0.76 -2.41
CA GLY A 345 22.16 -1.66 -1.28
C GLY A 345 22.42 -1.02 0.06
N GLY A 346 22.58 0.30 0.09
CA GLY A 346 22.91 0.98 1.32
C GLY A 346 22.60 2.46 1.24
N PHE A 347 22.43 3.07 2.41
CA PHE A 347 22.16 4.50 2.51
C PHE A 347 22.96 5.06 3.68
N VAL A 348 24.01 5.83 3.38
CA VAL A 348 24.75 6.54 4.42
C VAL A 348 23.96 7.82 4.68
N SER A 349 23.36 7.92 5.85
CA SER A 349 22.42 8.98 6.13
C SER A 349 22.71 9.62 7.48
N HIS A 350 22.19 10.83 7.63
CA HIS A 350 22.31 11.58 8.87
C HIS A 350 21.23 11.16 9.84
N CYS A 351 20.41 10.19 9.44
CA CYS A 351 19.34 9.62 10.24
C CYS A 351 18.27 10.66 10.57
N GLY A 352 17.92 11.48 9.59
CA GLY A 352 16.76 12.34 9.73
C GLY A 352 15.51 11.50 9.65
N TRP A 353 14.42 11.98 10.24
CA TRP A 353 13.25 11.11 10.37
C TRP A 353 12.72 10.68 9.01
N ASN A 354 12.53 11.64 8.09
CA ASN A 354 11.92 11.31 6.81
C ASN A 354 12.80 10.38 5.99
N SER A 355 14.12 10.60 6.01
CA SER A 355 15.04 9.71 5.31
C SER A 355 15.01 8.31 5.89
N VAL A 356 14.94 8.21 7.24
CA VAL A 356 14.88 6.90 7.88
C VAL A 356 13.61 6.17 7.48
N MET A 357 12.48 6.88 7.46
CA MET A 357 11.22 6.23 7.10
C MET A 357 11.27 5.77 5.65
N GLU A 358 11.88 6.58 4.78
CA GLU A 358 11.98 6.24 3.37
C GLU A 358 12.81 4.97 3.19
N SER A 359 13.94 4.89 3.90
CA SER A 359 14.82 3.73 3.79
C SER A 359 14.14 2.46 4.30
N MET A 360 13.36 2.57 5.38
CA MET A 360 12.62 1.41 5.87
C MET A 360 11.50 1.02 4.91
N MET A 361 10.81 2.02 4.33
CA MET A 361 9.75 1.71 3.38
C MET A 361 10.32 1.01 2.15
N PHE A 362 11.49 1.44 1.69
CA PHE A 362 12.08 0.93 0.46
C PHE A 362 13.00 -0.26 0.70
N GLY A 363 13.23 -0.64 1.96
CA GLY A 363 14.01 -1.83 2.24
C GLY A 363 15.50 -1.66 2.11
N VAL A 364 16.01 -0.45 2.32
CA VAL A 364 17.45 -0.17 2.27
C VAL A 364 17.99 -0.17 3.70
N PRO A 365 19.01 -0.97 4.01
CA PRO A 365 19.68 -0.86 5.31
C PRO A 365 20.40 0.47 5.44
N ILE A 366 20.31 1.06 6.63
CA ILE A 366 20.86 2.39 6.89
C ILE A 366 22.23 2.27 7.55
N ILE A 367 23.19 3.02 7.03
CA ILE A 367 24.49 3.17 7.67
C ILE A 367 24.43 4.56 8.30
N GLY A 368 24.19 4.59 9.61
CA GLY A 368 23.90 5.85 10.28
C GLY A 368 25.12 6.67 10.64
N VAL A 369 25.09 7.95 10.32
CA VAL A 369 26.12 8.91 10.72
C VAL A 369 25.40 10.13 11.27
N PRO A 370 24.79 10.04 12.45
CA PRO A 370 24.00 11.16 12.97
C PRO A 370 24.86 12.38 13.26
N MET A 371 24.27 13.56 13.10
CA MET A 371 25.05 14.79 13.22
C MET A 371 24.63 15.67 14.40
N HIS A 372 23.34 15.81 14.66
CA HIS A 372 22.85 16.70 15.72
C HIS A 372 21.36 16.40 15.93
N VAL A 373 20.70 17.24 16.73
CA VAL A 373 19.26 17.23 17.01
C VAL A 373 18.80 15.82 17.38
N ASP A 374 17.72 15.35 16.76
CA ASP A 374 17.16 14.05 17.10
C ASP A 374 17.87 12.90 16.40
N GLN A 375 18.78 13.21 15.49
CA GLN A 375 19.43 12.19 14.68
C GLN A 375 20.16 11.12 15.50
N PRO A 376 20.87 11.44 16.59
CA PRO A 376 21.50 10.35 17.36
C PRO A 376 20.51 9.33 17.90
N PHE A 377 19.36 9.78 18.38
CA PHE A 377 18.34 8.84 18.87
C PHE A 377 17.77 8.02 17.72
N ASN A 378 17.51 8.64 16.57
CA ASN A 378 17.00 7.90 15.42
C ASN A 378 17.99 6.85 14.96
N ALA A 379 19.30 7.16 15.01
CA ALA A 379 20.29 6.16 14.67
C ALA A 379 20.24 4.98 15.62
N GLY A 380 20.01 5.24 16.90
CA GLY A 380 19.84 4.15 17.85
C GLY A 380 18.61 3.32 17.52
N LEU A 381 17.53 3.99 17.11
CA LEU A 381 16.30 3.28 16.77
C LEU A 381 16.52 2.36 15.57
N VAL A 382 17.30 2.81 14.59
CA VAL A 382 17.61 1.97 13.43
C VAL A 382 18.38 0.75 13.88
N GLU A 383 19.34 0.95 14.78
CA GLU A 383 20.15 -0.15 15.29
C GLU A 383 19.29 -1.12 16.11
N GLU A 384 18.37 -0.59 16.91
CA GLU A 384 17.49 -1.42 17.72
C GLU A 384 16.61 -2.30 16.85
N ALA A 385 16.09 -1.75 15.76
CA ALA A 385 15.17 -2.45 14.88
C ALA A 385 15.87 -3.46 13.97
N GLY A 386 17.19 -3.40 13.86
CA GLY A 386 17.94 -4.37 13.09
C GLY A 386 18.01 -4.05 11.61
N VAL A 387 17.49 -2.89 11.20
CA VAL A 387 17.45 -2.53 9.79
C VAL A 387 18.68 -1.75 9.36
N GLY A 388 19.64 -1.54 10.25
CA GLY A 388 20.87 -0.87 9.88
C GLY A 388 21.82 -0.85 11.05
N VAL A 389 22.97 -0.23 10.82
CA VAL A 389 24.03 -0.12 11.81
C VAL A 389 24.46 1.33 11.93
N GLU A 390 24.81 1.75 13.14
CA GLU A 390 25.23 3.12 13.40
C GLU A 390 26.75 3.17 13.49
N ALA A 391 27.36 4.11 12.76
CA ALA A 391 28.80 4.29 12.81
C ALA A 391 29.12 5.11 14.06
N LYS A 392 29.79 4.48 15.02
CA LYS A 392 30.01 5.12 16.31
C LYS A 392 31.01 6.26 16.19
N ARG A 393 30.74 7.34 16.91
CA ARG A 393 31.68 8.45 16.95
C ARG A 393 32.77 8.14 17.97
N ASP A 394 33.94 8.74 17.76
CA ASP A 394 35.06 8.53 18.67
C ASP A 394 34.79 9.31 19.96
N PRO A 395 35.66 9.16 20.99
CA PRO A 395 35.36 9.78 22.29
C PRO A 395 35.14 11.28 22.22
N ASP A 396 35.81 12.00 21.33
CA ASP A 396 35.63 13.43 21.22
C ASP A 396 34.47 13.80 20.31
N GLY A 397 33.78 12.82 19.74
CA GLY A 397 32.68 13.07 18.85
C GLY A 397 33.08 13.28 17.40
N LYS A 398 34.11 12.60 16.94
CA LYS A 398 34.66 12.80 15.61
C LYS A 398 34.38 11.60 14.72
N ILE A 399 33.98 11.87 13.48
CA ILE A 399 33.71 10.80 12.52
C ILE A 399 35.00 10.03 12.26
N GLN A 400 34.88 8.72 12.06
CA GLN A 400 36.03 7.86 11.84
C GLN A 400 35.97 7.24 10.46
N ARG A 401 37.07 7.34 9.71
CA ARG A 401 37.10 6.81 8.36
C ARG A 401 36.94 5.29 8.39
N ASP A 402 37.64 4.66 9.32
CA ASP A 402 37.69 3.20 9.39
C ASP A 402 36.33 2.63 9.78
N GLU A 403 35.63 3.30 10.70
CA GLU A 403 34.30 2.82 11.09
C GLU A 403 33.33 2.85 9.92
N VAL A 404 33.35 3.94 9.15
CA VAL A 404 32.42 4.06 8.03
C VAL A 404 32.73 2.99 6.99
N ALA A 405 34.03 2.79 6.69
CA ALA A 405 34.41 1.83 5.66
C ALA A 405 34.01 0.42 6.07
N LYS A 406 34.19 0.07 7.35
CA LYS A 406 33.91 -1.29 7.79
C LYS A 406 32.44 -1.63 7.56
N LEU A 407 31.55 -0.72 7.96
CA LEU A 407 30.12 -0.97 7.85
C LEU A 407 29.67 -1.03 6.40
N ILE A 408 30.21 -0.15 5.55
CA ILE A 408 29.88 -0.20 4.13
C ILE A 408 30.33 -1.52 3.52
N LYS A 409 31.55 -1.95 3.84
CA LYS A 409 32.05 -3.20 3.28
C LYS A 409 31.20 -4.36 3.77
N GLU A 410 30.92 -4.39 5.06
CA GLU A 410 30.14 -5.48 5.66
C GLU A 410 28.71 -5.48 5.14
N VAL A 411 28.09 -4.31 5.05
CA VAL A 411 26.69 -4.23 4.64
C VAL A 411 26.55 -4.30 3.12
N VAL A 412 27.43 -3.66 2.36
CA VAL A 412 27.21 -3.53 0.92
C VAL A 412 28.24 -4.24 0.04
N VAL A 413 29.53 -3.91 0.20
CA VAL A 413 30.52 -4.44 -0.72
C VAL A 413 30.66 -5.94 -0.55
N GLU A 414 30.88 -6.39 0.68
CA GLU A 414 30.89 -7.82 0.99
C GLU A 414 29.67 -8.03 1.88
N LYS A 415 28.64 -8.69 1.35
CA LYS A 415 27.37 -8.75 2.06
C LYS A 415 27.47 -9.85 3.13
N THR A 416 28.23 -9.52 4.18
CA THR A 416 28.52 -10.43 5.27
C THR A 416 27.79 -10.04 6.54
N ARG A 417 26.91 -9.07 6.49
CA ARG A 417 26.07 -8.74 7.62
C ARG A 417 24.64 -8.96 7.12
N GLU A 418 24.36 -10.21 6.76
CA GLU A 418 23.13 -10.60 6.08
C GLU A 418 21.91 -10.52 6.99
N ASP A 419 22.10 -10.54 8.31
CA ASP A 419 20.96 -10.33 9.20
C ASP A 419 20.40 -8.94 9.01
N VAL A 420 21.29 -7.95 8.86
CA VAL A 420 20.85 -6.58 8.67
C VAL A 420 20.01 -6.46 7.40
N ARG A 421 20.46 -7.11 6.33
CA ARG A 421 19.79 -7.03 5.05
C ARG A 421 18.40 -7.65 5.12
N LYS A 422 18.28 -8.82 5.76
CA LYS A 422 17.01 -9.52 5.80
C LYS A 422 15.96 -8.74 6.57
N LYS A 423 16.35 -8.15 7.70
CA LYS A 423 15.40 -7.40 8.50
C LYS A 423 14.93 -6.16 7.75
N ALA A 424 15.80 -5.60 6.88
CA ALA A 424 15.44 -4.41 6.12
C ALA A 424 14.32 -4.70 5.13
N ARG A 425 14.44 -5.80 4.36
CA ARG A 425 13.34 -6.14 3.46
C ARG A 425 12.12 -6.63 4.23
N GLU A 426 12.32 -7.37 5.32
CA GLU A 426 11.18 -7.78 6.13
C GLU A 426 10.44 -6.55 6.64
N MET A 427 11.18 -5.55 7.10
CA MET A 427 10.56 -4.30 7.54
C MET A 427 9.86 -3.64 6.37
N SER A 428 10.51 -3.63 5.19
CA SER A 428 9.90 -3.06 4.01
C SER A 428 8.62 -3.80 3.65
N GLU A 429 8.65 -5.14 3.74
CA GLU A 429 7.47 -5.93 3.40
C GLU A 429 6.31 -5.55 4.31
N ILE A 430 6.61 -5.36 5.60
CA ILE A 430 5.58 -5.02 6.58
C ILE A 430 4.98 -3.66 6.23
N LEU A 431 5.84 -2.71 5.87
CA LEU A 431 5.38 -1.34 5.63
C LEU A 431 4.53 -1.28 4.37
N ARG A 432 4.95 -2.00 3.32
CA ARG A 432 4.24 -2.00 2.05
C ARG A 432 2.83 -2.56 2.20
N SER A 433 2.65 -3.53 3.09
CA SER A 433 1.39 -4.25 3.23
C SER A 433 0.34 -3.46 3.97
N LYS A 434 0.66 -2.28 4.48
CA LYS A 434 -0.34 -1.50 5.20
C LYS A 434 -1.28 -0.82 4.21
N GLY A 435 -2.57 -0.89 4.50
CA GLY A 435 -3.59 -0.41 3.58
C GLY A 435 -4.19 0.89 4.07
N GLU A 436 -5.43 1.16 3.70
CA GLU A 436 -6.02 2.46 4.00
C GLU A 436 -6.47 2.55 5.45
N GLU A 437 -6.35 1.46 6.21
CA GLU A 437 -6.74 1.47 7.61
C GLU A 437 -5.79 2.34 8.44
N LYS A 438 -4.69 2.78 7.83
CA LYS A 438 -3.66 3.54 8.51
C LYS A 438 -4.20 4.86 9.07
N PHE A 439 -5.30 5.36 8.52
CA PHE A 439 -5.86 6.63 8.92
C PHE A 439 -7.21 6.48 9.61
N ASP A 440 -7.65 5.25 9.87
CA ASP A 440 -8.97 5.03 10.43
C ASP A 440 -9.09 5.68 11.79
N GLU A 441 -8.05 5.56 12.61
CA GLU A 441 -8.09 6.09 13.97
C GLU A 441 -8.13 7.61 13.95
N MET A 442 -7.35 8.23 13.06
CA MET A 442 -7.31 9.69 12.97
C MET A 442 -8.68 10.28 12.61
N VAL A 443 -9.35 9.70 11.61
CA VAL A 443 -10.64 10.25 11.17
C VAL A 443 -11.67 10.16 12.29
N ALA A 444 -11.61 9.10 13.10
CA ALA A 444 -12.54 8.98 14.22
C ALA A 444 -12.31 10.09 15.23
N GLU A 445 -11.06 10.37 15.57
CA GLU A 445 -10.78 11.39 16.57
C GLU A 445 -11.18 12.78 16.08
N ILE A 446 -10.87 13.09 14.81
CA ILE A 446 -11.23 14.41 14.30
C ILE A 446 -12.74 14.56 14.22
N SER A 447 -13.45 13.49 13.85
CA SER A 447 -14.90 13.57 13.75
C SER A 447 -15.52 13.87 15.11
N LEU A 448 -15.03 13.19 16.15
CA LEU A 448 -15.57 13.41 17.49
C LEU A 448 -15.32 14.84 17.92
N LEU A 449 -14.10 15.33 17.69
CA LEU A 449 -13.71 16.68 18.07
C LEU A 449 -14.54 17.72 17.32
N LEU A 450 -14.80 17.48 16.03
CA LEU A 450 -15.57 18.40 15.22
C LEU A 450 -17.03 18.47 15.65
N LYS A 451 -17.54 17.42 16.31
CA LYS A 451 -18.89 17.47 16.85
C LYS A 451 -18.92 18.21 18.18
N ILE A 452 -17.90 18.00 19.02
CA ILE A 452 -17.89 18.64 20.34
C ILE A 452 -17.84 20.15 20.20
N GLU A 453 -17.21 20.66 19.13
CA GLU A 453 -17.13 22.10 18.95
C GLU A 453 -18.40 22.71 18.38
N HIS A 454 -19.29 21.91 17.81
CA HIS A 454 -20.57 22.47 17.39
C HIS A 454 -21.30 23.00 18.61
N HIS A 455 -21.25 22.23 19.70
CA HIS A 455 -21.75 22.66 21.00
C HIS A 455 -20.85 23.75 21.58
N HIS A 456 -19.55 23.51 21.59
CA HIS A 456 -18.54 24.42 22.14
C HIS A 456 -18.88 24.85 23.57
N THR B 9 -23.89 10.25 4.44
CA THR B 9 -25.20 10.83 4.15
C THR B 9 -25.90 10.09 3.03
N THR B 10 -24.80 9.87 2.21
CA THR B 10 -25.02 9.31 0.88
C THR B 10 -24.90 7.79 0.96
N THR B 11 -25.93 7.08 0.52
CA THR B 11 -26.01 5.63 0.67
C THR B 11 -25.83 4.95 -0.68
N ILE B 12 -24.99 3.92 -0.71
CA ILE B 12 -24.79 3.08 -1.88
C ILE B 12 -25.18 1.66 -1.52
N LEU B 13 -25.95 1.01 -2.38
CA LEU B 13 -26.24 -0.40 -2.21
C LEU B 13 -25.30 -1.19 -3.12
N MET B 14 -24.66 -2.21 -2.57
CA MET B 14 -23.74 -3.06 -3.31
C MET B 14 -24.32 -4.45 -3.37
N LEU B 15 -24.49 -4.97 -4.57
CA LEU B 15 -25.07 -6.31 -4.76
C LEU B 15 -24.10 -7.18 -5.53
N PRO B 16 -23.41 -8.09 -4.87
CA PRO B 16 -22.52 -9.01 -5.58
C PRO B 16 -23.29 -10.21 -6.10
N TRP B 17 -22.62 -10.97 -6.96
CA TRP B 17 -23.16 -12.26 -7.39
C TRP B 17 -22.81 -13.30 -6.34
N LEU B 18 -23.70 -14.28 -6.17
CA LEU B 18 -23.43 -15.36 -5.24
C LEU B 18 -22.13 -16.03 -5.60
N GLY B 19 -21.23 -16.16 -4.63
CA GLY B 19 -19.89 -16.60 -4.93
C GLY B 19 -18.85 -15.86 -4.13
N TYR B 20 -17.95 -16.59 -3.48
CA TYR B 20 -17.00 -15.98 -2.56
C TYR B 20 -16.08 -15.00 -3.27
N GLY B 21 -15.63 -15.33 -4.48
CA GLY B 21 -14.70 -14.45 -5.17
C GLY B 21 -15.32 -13.10 -5.46
N HIS B 22 -16.58 -13.11 -5.90
CA HIS B 22 -17.29 -11.88 -6.19
C HIS B 22 -17.56 -11.11 -4.90
N LEU B 23 -17.94 -11.84 -3.84
CA LEU B 23 -18.23 -11.22 -2.55
C LEU B 23 -16.99 -10.55 -1.97
N SER B 24 -15.86 -11.25 -2.02
CA SER B 24 -14.64 -10.73 -1.40
C SER B 24 -14.23 -9.43 -2.06
N ALA B 25 -14.26 -9.39 -3.40
CA ALA B 25 -13.88 -8.19 -4.12
C ALA B 25 -14.85 -7.05 -3.85
N PHE B 26 -16.16 -7.36 -3.76
CA PHE B 26 -17.13 -6.33 -3.43
C PHE B 26 -16.88 -5.77 -2.03
N LEU B 27 -16.49 -6.64 -1.08
CA LEU B 27 -16.25 -6.18 0.28
C LEU B 27 -15.09 -5.20 0.33
N GLU B 28 -14.04 -5.46 -0.45
CA GLU B 28 -12.90 -4.54 -0.49
C GLU B 28 -13.34 -3.20 -1.05
N LEU B 29 -14.17 -3.21 -2.09
CA LEU B 29 -14.62 -1.95 -2.68
C LEU B 29 -15.50 -1.19 -1.70
N ALA B 30 -16.34 -1.92 -0.95
CA ALA B 30 -17.22 -1.29 0.02
C ALA B 30 -16.40 -0.61 1.10
N LYS B 31 -15.32 -1.27 1.55
CA LYS B 31 -14.48 -0.69 2.59
C LYS B 31 -13.90 0.64 2.14
N SER B 32 -13.46 0.70 0.87
CA SER B 32 -12.85 1.91 0.35
C SER B 32 -13.85 3.07 0.37
N LEU B 33 -15.09 2.79 -0.02
CA LEU B 33 -16.11 3.83 -0.04
C LEU B 33 -16.48 4.26 1.37
N SER B 34 -16.48 3.30 2.32
CA SER B 34 -16.77 3.63 3.72
C SER B 34 -15.74 4.62 4.27
N ARG B 35 -14.48 4.43 3.91
CA ARG B 35 -13.44 5.35 4.35
C ARG B 35 -13.71 6.76 3.83
N ARG B 36 -14.27 6.87 2.63
CA ARG B 36 -14.50 8.15 1.96
C ARG B 36 -15.90 8.67 2.22
N ASN B 37 -16.38 8.48 3.45
CA ASN B 37 -17.66 8.97 3.93
C ASN B 37 -18.82 8.55 3.03
N PHE B 38 -18.93 7.25 2.79
CA PHE B 38 -20.07 6.70 2.08
C PHE B 38 -20.73 5.66 2.98
N HIS B 39 -22.06 5.64 2.99
CA HIS B 39 -22.79 4.62 3.73
C HIS B 39 -23.15 3.46 2.81
N ILE B 40 -22.58 2.29 3.09
CA ILE B 40 -22.71 1.14 2.23
C ILE B 40 -23.78 0.21 2.78
N TYR B 41 -24.39 -0.56 1.89
CA TYR B 41 -25.41 -1.55 2.22
C TYR B 41 -24.98 -2.81 1.48
N PHE B 42 -24.50 -3.82 2.20
CA PHE B 42 -23.98 -5.01 1.55
C PHE B 42 -25.11 -6.02 1.45
N CYS B 43 -25.66 -6.19 0.25
CA CYS B 43 -26.80 -7.08 0.05
C CYS B 43 -26.33 -8.41 -0.52
N SER B 44 -26.70 -9.50 0.15
CA SER B 44 -26.39 -10.85 -0.30
C SER B 44 -27.15 -11.82 0.60
N THR B 45 -26.93 -13.10 0.39
CA THR B 45 -27.65 -14.14 1.12
C THR B 45 -26.94 -14.40 2.44
N SER B 46 -27.65 -15.06 3.36
CA SER B 46 -27.10 -15.28 4.69
C SER B 46 -25.80 -16.08 4.63
N VAL B 47 -25.82 -17.22 3.92
CA VAL B 47 -24.64 -18.09 3.84
C VAL B 47 -23.44 -17.28 3.38
N ASN B 48 -23.64 -16.41 2.39
CA ASN B 48 -22.55 -15.66 1.80
C ASN B 48 -22.17 -14.50 2.70
N LEU B 49 -23.17 -13.83 3.29
CA LEU B 49 -22.89 -12.72 4.20
C LEU B 49 -22.17 -13.20 5.44
N ASP B 50 -22.57 -14.37 5.96
CA ASP B 50 -21.97 -14.89 7.18
C ASP B 50 -20.51 -15.27 6.97
N ALA B 51 -20.16 -15.70 5.75
CA ALA B 51 -18.81 -16.16 5.46
C ALA B 51 -17.86 -14.99 5.21
N ILE B 52 -18.38 -13.80 4.93
CA ILE B 52 -17.54 -12.65 4.59
C ILE B 52 -17.27 -11.78 5.82
N LYS B 53 -18.14 -11.83 6.84
CA LYS B 53 -18.00 -11.02 8.05
C LYS B 53 -16.62 -11.17 8.71
N PRO B 54 -16.11 -12.40 8.98
CA PRO B 54 -14.74 -12.56 9.51
C PRO B 54 -13.72 -11.59 8.92
N LYS B 55 -13.90 -11.21 7.67
CA LYS B 55 -12.94 -10.38 6.94
C LYS B 55 -13.26 -8.90 7.05
N LEU B 56 -14.37 -8.53 7.71
CA LEU B 56 -14.69 -7.13 7.92
C LEU B 56 -14.42 -6.78 9.36
N PRO B 57 -13.59 -5.77 9.64
CA PRO B 57 -13.32 -5.36 11.02
C PRO B 57 -14.53 -4.74 11.70
N SER B 58 -14.40 -4.37 12.97
CA SER B 58 -15.54 -3.85 13.69
C SER B 58 -15.56 -2.34 13.63
N SER B 59 -14.62 -1.75 12.88
CA SER B 59 -14.56 -0.32 12.64
C SER B 59 -15.56 0.06 11.55
N PHE B 60 -16.08 -0.94 10.85
CA PHE B 60 -17.01 -0.78 9.74
C PHE B 60 -18.40 -1.26 10.17
N SER B 61 -18.77 -1.01 11.41
CA SER B 61 -20.03 -1.52 11.96
C SER B 61 -21.13 -0.49 11.90
N ASP B 62 -20.79 0.75 11.62
CA ASP B 62 -21.75 1.83 11.48
C ASP B 62 -21.80 2.34 10.05
N SER B 63 -20.94 1.81 9.19
CA SER B 63 -20.79 2.26 7.81
C SER B 63 -21.15 1.19 6.80
N ILE B 64 -20.66 -0.03 6.98
CA ILE B 64 -21.04 -1.14 6.11
C ILE B 64 -22.09 -1.95 6.86
N GLN B 65 -23.34 -1.86 6.42
CA GLN B 65 -24.45 -2.57 7.03
C GLN B 65 -24.81 -3.74 6.11
N PHE B 66 -25.02 -4.91 6.69
CA PHE B 66 -25.27 -6.12 5.92
C PHE B 66 -26.77 -6.33 5.75
N VAL B 67 -27.25 -6.19 4.51
CA VAL B 67 -28.66 -6.37 4.15
C VAL B 67 -28.82 -7.78 3.60
N GLU B 68 -29.98 -8.39 3.83
CA GLU B 68 -30.22 -9.78 3.47
C GLU B 68 -31.12 -9.90 2.25
N LEU B 69 -30.76 -10.79 1.33
CA LEU B 69 -31.56 -11.06 0.14
C LEU B 69 -32.14 -12.46 0.27
N HIS B 70 -33.45 -12.58 0.10
CA HIS B 70 -34.15 -13.85 0.27
C HIS B 70 -34.42 -14.53 -1.07
N LEU B 71 -33.75 -15.65 -1.30
CA LEU B 71 -34.02 -16.47 -2.47
C LEU B 71 -35.05 -17.53 -2.10
N PRO B 72 -35.76 -18.12 -3.07
CA PRO B 72 -36.77 -19.11 -2.68
C PRO B 72 -36.13 -20.23 -1.88
N SER B 73 -36.77 -20.60 -0.79
CA SER B 73 -36.23 -21.60 0.12
C SER B 73 -37.17 -22.78 0.21
N SER B 74 -36.60 -23.98 0.13
CA SER B 74 -37.30 -25.25 0.17
C SER B 74 -36.53 -26.16 1.11
N PRO B 75 -37.18 -27.19 1.66
CA PRO B 75 -36.43 -28.13 2.51
C PRO B 75 -35.24 -28.78 1.82
N GLU B 76 -35.36 -29.18 0.56
CA GLU B 76 -34.21 -29.75 -0.13
C GLU B 76 -33.13 -28.71 -0.40
N PHE B 77 -33.54 -27.53 -0.88
CA PHE B 77 -32.67 -26.39 -1.17
C PHE B 77 -32.80 -25.35 -0.05
N PRO B 78 -32.12 -25.54 1.07
CA PRO B 78 -32.25 -24.63 2.21
C PRO B 78 -31.39 -23.39 2.04
N PRO B 79 -31.58 -22.37 2.87
CA PRO B 79 -30.82 -21.12 2.70
C PRO B 79 -29.30 -21.30 2.81
N HIS B 80 -28.82 -22.40 3.40
CA HIS B 80 -27.37 -22.57 3.48
C HIS B 80 -26.78 -22.90 2.12
N LEU B 81 -27.61 -23.31 1.17
CA LEU B 81 -27.16 -23.70 -0.16
C LEU B 81 -27.36 -22.57 -1.17
N HIS B 82 -27.65 -21.36 -0.69
CA HIS B 82 -27.83 -20.19 -1.56
C HIS B 82 -26.50 -19.54 -1.87
N THR B 83 -25.58 -20.33 -2.42
CA THR B 83 -24.25 -19.86 -2.77
C THR B 83 -23.64 -20.82 -3.76
N THR B 84 -22.57 -20.36 -4.40
CA THR B 84 -21.80 -21.21 -5.30
C THR B 84 -20.63 -21.88 -4.57
N ASN B 85 -20.38 -21.50 -3.33
CA ASN B 85 -19.28 -22.04 -2.52
C ASN B 85 -19.72 -23.38 -1.94
N GLY B 86 -19.19 -24.48 -2.50
CA GLY B 86 -19.48 -25.81 -2.02
C GLY B 86 -20.67 -26.44 -2.70
N LEU B 87 -21.35 -25.68 -3.54
CA LEU B 87 -22.57 -26.15 -4.18
C LEU B 87 -22.24 -27.26 -5.16
N PRO B 88 -22.96 -28.38 -5.13
CA PRO B 88 -22.75 -29.39 -6.14
C PRO B 88 -22.99 -28.79 -7.51
N PRO B 89 -22.20 -29.15 -8.52
CA PRO B 89 -22.36 -28.50 -9.83
C PRO B 89 -23.74 -28.73 -10.44
N THR B 90 -24.43 -29.79 -10.03
CA THR B 90 -25.77 -30.09 -10.53
C THR B 90 -26.77 -29.01 -10.15
N LEU B 91 -26.63 -28.44 -8.95
CA LEU B 91 -27.61 -27.50 -8.43
C LEU B 91 -27.33 -26.06 -8.85
N MET B 92 -26.35 -25.84 -9.73
CA MET B 92 -26.12 -24.48 -10.22
C MET B 92 -27.29 -23.92 -11.01
N PRO B 93 -27.93 -24.65 -11.93
CA PRO B 93 -29.02 -24.05 -12.69
C PRO B 93 -30.13 -23.54 -11.78
N ALA B 94 -30.37 -24.26 -10.67
CA ALA B 94 -31.37 -23.81 -9.70
C ALA B 94 -30.97 -22.50 -9.06
N LEU B 95 -29.68 -22.34 -8.74
CA LEU B 95 -29.24 -21.13 -8.05
C LEU B 95 -29.43 -19.90 -8.92
N HIS B 96 -29.10 -20.02 -10.21
CA HIS B 96 -29.35 -18.91 -11.13
C HIS B 96 -30.84 -18.64 -11.24
N GLN B 97 -31.63 -19.71 -11.32
CA GLN B 97 -33.08 -19.57 -11.39
C GLN B 97 -33.61 -18.93 -10.11
N ALA B 98 -33.14 -19.41 -8.95
CA ALA B 98 -33.64 -18.89 -7.69
C ALA B 98 -33.25 -17.43 -7.54
N PHE B 99 -32.03 -17.09 -7.95
CA PHE B 99 -31.54 -15.73 -7.85
C PHE B 99 -32.42 -14.80 -8.69
N SER B 100 -32.86 -15.31 -9.85
CA SER B 100 -33.73 -14.54 -10.72
C SER B 100 -35.04 -14.19 -10.02
N MET B 101 -35.54 -15.11 -9.19
CA MET B 101 -36.84 -14.93 -8.56
C MET B 101 -36.77 -14.08 -7.31
N ALA B 102 -35.59 -13.56 -6.99
CA ALA B 102 -35.42 -12.68 -5.85
C ALA B 102 -35.56 -11.22 -6.25
N ALA B 103 -35.87 -10.95 -7.53
CA ALA B 103 -35.96 -9.57 -8.00
C ALA B 103 -37.06 -8.85 -7.25
N GLN B 104 -38.16 -9.54 -6.96
CA GLN B 104 -39.29 -8.89 -6.29
C GLN B 104 -38.87 -8.43 -4.91
N HIS B 105 -38.14 -9.28 -4.17
CA HIS B 105 -37.65 -8.90 -2.85
C HIS B 105 -36.64 -7.76 -2.96
N PHE B 106 -35.77 -7.82 -3.96
CA PHE B 106 -34.74 -6.80 -4.11
C PHE B 106 -35.39 -5.44 -4.33
N GLU B 107 -36.49 -5.42 -5.11
CA GLU B 107 -37.21 -4.17 -5.35
C GLU B 107 -37.74 -3.59 -4.04
N SER B 108 -38.28 -4.45 -3.16
CA SER B 108 -38.77 -3.98 -1.87
C SER B 108 -37.63 -3.40 -1.04
N ILE B 109 -36.45 -4.03 -1.12
CA ILE B 109 -35.29 -3.55 -0.38
C ILE B 109 -34.93 -2.15 -0.87
N LEU B 110 -34.87 -1.98 -2.19
CA LEU B 110 -34.53 -0.67 -2.76
C LEU B 110 -35.62 0.32 -2.41
N GLN B 111 -36.87 -0.14 -2.42
CA GLN B 111 -38.03 0.72 -2.19
C GLN B 111 -37.94 1.35 -0.80
N THR B 112 -37.60 0.53 0.19
CA THR B 112 -37.45 1.01 1.56
C THR B 112 -36.14 1.79 1.73
N LEU B 113 -35.02 1.20 1.32
CA LEU B 113 -33.72 1.80 1.57
C LEU B 113 -33.51 3.08 0.79
N ALA B 114 -33.97 3.13 -0.45
CA ALA B 114 -33.81 4.30 -1.31
C ALA B 114 -32.34 4.73 -1.41
N PRO B 115 -31.44 3.83 -1.82
CA PRO B 115 -30.03 4.22 -1.93
C PRO B 115 -29.85 5.19 -3.07
N HIS B 116 -28.86 6.08 -2.92
CA HIS B 116 -28.56 7.03 -3.97
C HIS B 116 -27.96 6.32 -5.19
N LEU B 117 -27.13 5.31 -4.98
CA LEU B 117 -26.48 4.63 -6.07
C LEU B 117 -26.59 3.12 -5.87
N LEU B 118 -26.54 2.38 -6.97
CA LEU B 118 -26.52 0.93 -6.94
C LEU B 118 -25.30 0.45 -7.71
N ILE B 119 -24.48 -0.36 -7.05
CA ILE B 119 -23.34 -1.02 -7.69
C ILE B 119 -23.70 -2.50 -7.75
N TYR B 120 -23.64 -3.08 -8.94
CA TYR B 120 -24.10 -4.45 -9.12
C TYR B 120 -23.05 -5.25 -9.87
N ASP B 121 -23.10 -6.56 -9.67
CA ASP B 121 -22.17 -7.46 -10.32
C ASP B 121 -22.69 -7.76 -11.72
N SER B 122 -21.93 -8.52 -12.50
CA SER B 122 -22.24 -8.72 -13.91
C SER B 122 -23.04 -10.00 -14.19
N LEU B 123 -23.76 -10.53 -13.20
N LEU B 123 -23.69 -10.58 -13.18
CA LEU B 123 -24.47 -11.77 -13.39
CA LEU B 123 -24.48 -11.79 -13.42
C LEU B 123 -25.94 -11.68 -12.98
C LEU B 123 -25.94 -11.68 -12.99
N GLN B 124 -26.43 -10.48 -12.66
CA GLN B 124 -27.83 -10.26 -12.28
C GLN B 124 -28.45 -9.16 -13.14
N PRO B 125 -28.86 -9.50 -14.38
CA PRO B 125 -29.41 -8.48 -15.28
C PRO B 125 -30.65 -7.79 -14.74
N TRP B 126 -31.45 -8.48 -13.92
CA TRP B 126 -32.64 -7.87 -13.34
C TRP B 126 -32.31 -6.69 -12.42
N ALA B 127 -31.16 -6.72 -11.74
CA ALA B 127 -30.87 -5.69 -10.75
C ALA B 127 -30.79 -4.29 -11.33
N PRO B 128 -30.12 -4.04 -12.47
CA PRO B 128 -30.15 -2.67 -13.00
C PRO B 128 -31.56 -2.24 -13.37
N ARG B 129 -32.34 -3.16 -13.94
CA ARG B 129 -33.67 -2.84 -14.44
C ARG B 129 -34.64 -2.49 -13.32
N VAL B 130 -34.58 -3.22 -12.19
CA VAL B 130 -35.43 -2.87 -11.06
C VAL B 130 -35.06 -1.49 -10.53
N ALA B 131 -33.76 -1.19 -10.49
CA ALA B 131 -33.32 0.12 -10.00
C ALA B 131 -33.80 1.21 -10.94
N SER B 132 -33.76 0.94 -12.24
CA SER B 132 -34.20 1.92 -13.22
C SER B 132 -35.67 2.25 -13.01
N SER B 133 -36.46 1.24 -12.66
CA SER B 133 -37.89 1.44 -12.44
C SER B 133 -38.14 2.41 -11.28
N LEU B 134 -37.24 2.44 -10.30
CA LEU B 134 -37.38 3.27 -9.10
C LEU B 134 -36.51 4.52 -9.17
N LYS B 135 -35.97 4.84 -10.34
CA LYS B 135 -35.16 6.05 -10.55
C LYS B 135 -33.95 6.07 -9.63
N ILE B 136 -33.27 4.93 -9.55
CA ILE B 136 -32.03 4.79 -8.79
C ILE B 136 -30.88 4.55 -9.76
N PRO B 137 -29.83 5.35 -9.71
CA PRO B 137 -28.66 5.11 -10.57
C PRO B 137 -28.03 3.75 -10.27
N ALA B 138 -27.57 3.08 -11.32
CA ALA B 138 -26.93 1.78 -11.18
C ALA B 138 -25.67 1.76 -12.02
N ILE B 139 -24.58 1.25 -11.44
CA ILE B 139 -23.30 1.12 -12.13
C ILE B 139 -22.83 -0.31 -12.00
N ASN B 140 -22.19 -0.82 -13.05
CA ASN B 140 -21.72 -2.20 -13.09
C ASN B 140 -20.30 -2.29 -12.57
N PHE B 141 -20.06 -3.26 -11.68
CA PHE B 141 -18.72 -3.55 -11.19
C PHE B 141 -18.38 -4.97 -11.63
N ASN B 142 -17.31 -5.09 -12.40
CA ASN B 142 -16.84 -6.39 -12.89
C ASN B 142 -15.69 -6.85 -12.00
N THR B 143 -15.88 -7.99 -11.34
CA THR B 143 -14.88 -8.49 -10.39
C THR B 143 -13.80 -9.32 -11.06
N THR B 144 -13.88 -9.51 -12.38
CA THR B 144 -12.97 -10.39 -13.10
C THR B 144 -12.20 -9.59 -14.16
N GLY B 145 -11.40 -10.31 -14.96
CA GLY B 145 -10.44 -9.67 -15.83
C GLY B 145 -11.03 -9.06 -17.09
N VAL B 146 -10.21 -8.18 -17.70
CA VAL B 146 -10.57 -7.46 -18.92
C VAL B 146 -10.26 -8.29 -20.17
N PHE B 147 -9.22 -9.14 -20.10
CA PHE B 147 -8.76 -9.88 -21.28
C PHE B 147 -9.86 -10.76 -21.84
N VAL B 148 -10.57 -11.48 -20.96
CA VAL B 148 -11.59 -12.40 -21.42
C VAL B 148 -12.70 -11.64 -22.13
N ILE B 149 -13.10 -10.49 -21.57
CA ILE B 149 -14.23 -9.74 -22.12
C ILE B 149 -13.87 -9.19 -23.50
N SER B 150 -12.66 -8.64 -23.64
CA SER B 150 -12.23 -8.11 -24.93
C SER B 150 -12.05 -9.21 -25.95
N GLN B 151 -11.47 -10.35 -25.53
CA GLN B 151 -11.20 -11.44 -26.48
C GLN B 151 -12.48 -11.95 -27.11
N GLY B 152 -13.56 -12.05 -26.32
CA GLY B 152 -14.85 -12.43 -26.89
C GLY B 152 -15.49 -11.33 -27.73
N LEU B 153 -15.37 -10.08 -27.30
CA LEU B 153 -15.96 -8.97 -28.03
C LEU B 153 -15.27 -8.72 -29.37
N HIS B 154 -13.93 -8.90 -29.44
CA HIS B 154 -13.21 -8.51 -30.65
C HIS B 154 -13.71 -9.16 -31.93
N PRO B 155 -13.95 -10.47 -32.00
CA PRO B 155 -14.34 -11.07 -33.28
C PRO B 155 -15.61 -10.48 -33.83
N ILE B 156 -16.52 -10.08 -32.94
CA ILE B 156 -17.85 -9.63 -33.34
C ILE B 156 -17.75 -8.44 -34.29
N HIS B 157 -16.81 -7.53 -34.00
CA HIS B 157 -16.53 -6.38 -34.87
C HIS B 157 -15.49 -6.71 -35.93
N TYR B 158 -14.53 -7.56 -35.62
CA TYR B 158 -13.42 -7.86 -36.54
C TYR B 158 -13.25 -9.36 -36.71
N PRO B 159 -14.17 -10.01 -37.44
CA PRO B 159 -13.95 -11.43 -37.75
C PRO B 159 -12.75 -11.60 -38.64
N HIS B 160 -12.43 -10.54 -39.38
CA HIS B 160 -11.36 -10.55 -40.37
C HIS B 160 -9.99 -10.71 -39.71
N SER B 161 -9.69 -9.89 -38.71
CA SER B 161 -8.37 -9.77 -38.14
C SER B 161 -8.17 -10.61 -36.87
N LYS B 162 -6.91 -10.77 -36.50
CA LYS B 162 -6.47 -11.49 -35.32
C LYS B 162 -6.74 -10.60 -34.09
N PHE B 163 -6.67 -11.19 -32.90
CA PHE B 163 -6.78 -10.34 -31.73
C PHE B 163 -5.60 -9.38 -31.79
N PRO B 164 -5.80 -8.07 -31.59
CA PRO B 164 -4.71 -7.12 -31.87
C PRO B 164 -3.44 -7.21 -31.03
N PHE B 165 -3.52 -7.27 -29.70
CA PHE B 165 -2.32 -7.07 -28.90
C PHE B 165 -1.75 -8.31 -28.21
N SER B 166 -2.28 -9.50 -28.47
CA SER B 166 -1.78 -10.68 -27.78
C SER B 166 -1.53 -11.80 -28.77
N GLU B 167 -0.42 -12.51 -28.61
CA GLU B 167 -0.17 -13.74 -29.37
C GLU B 167 -0.54 -14.94 -28.51
N PHE B 168 -1.85 -15.09 -28.32
CA PHE B 168 -2.42 -16.17 -27.52
C PHE B 168 -3.48 -16.87 -28.37
N VAL B 169 -3.42 -18.20 -28.40
CA VAL B 169 -4.41 -19.01 -29.11
C VAL B 169 -5.10 -19.92 -28.11
N LEU B 170 -6.43 -19.88 -28.09
CA LEU B 170 -7.18 -20.69 -27.16
C LEU B 170 -7.11 -22.15 -27.58
N HIS B 171 -6.92 -23.03 -26.59
CA HIS B 171 -6.83 -24.46 -26.88
C HIS B 171 -8.17 -25.00 -27.35
N ASN B 172 -8.12 -26.06 -28.16
CA ASN B 172 -9.36 -26.60 -28.75
C ASN B 172 -10.32 -27.11 -27.69
N HIS B 173 -9.81 -27.57 -26.53
CA HIS B 173 -10.69 -28.16 -25.53
C HIS B 173 -11.74 -27.15 -25.06
N TRP B 174 -11.34 -25.90 -24.90
CA TRP B 174 -12.24 -24.87 -24.40
C TRP B 174 -13.00 -24.16 -25.52
N LYS B 175 -12.61 -24.37 -26.78
CA LYS B 175 -13.35 -23.80 -27.89
C LYS B 175 -14.77 -24.37 -27.93
N ALA B 176 -14.90 -25.69 -27.78
CA ALA B 176 -16.19 -26.37 -27.75
C ALA B 176 -17.06 -26.03 -28.95
N GLU B 187 -27.19 -20.38 -20.63
CA GLU B 187 -26.25 -19.38 -20.13
C GLU B 187 -25.38 -18.85 -21.27
N ARG B 188 -25.12 -19.70 -22.26
CA ARG B 188 -24.33 -19.29 -23.41
C ARG B 188 -25.02 -18.17 -24.17
N THR B 189 -26.31 -18.36 -24.46
CA THR B 189 -27.06 -17.37 -25.23
C THR B 189 -27.22 -16.07 -24.46
N ARG B 190 -27.51 -16.16 -23.15
CA ARG B 190 -27.82 -14.96 -22.38
C ARG B 190 -26.65 -14.00 -22.35
N LYS B 191 -25.44 -14.52 -22.09
CA LYS B 191 -24.27 -13.64 -22.03
C LYS B 191 -23.99 -13.03 -23.39
N ARG B 192 -24.26 -13.78 -24.48
CA ARG B 192 -24.00 -13.27 -25.82
C ARG B 192 -24.82 -12.02 -26.09
N GLY B 193 -26.01 -11.92 -25.51
CA GLY B 193 -26.88 -10.78 -25.76
C GLY B 193 -26.52 -9.53 -24.98
N GLU B 194 -25.62 -9.64 -24.00
CA GLU B 194 -25.17 -8.47 -23.26
C GLU B 194 -24.31 -7.56 -24.13
N ALA B 195 -23.64 -8.12 -25.14
CA ALA B 195 -22.73 -7.33 -25.96
C ALA B 195 -23.43 -6.15 -26.61
N PHE B 196 -24.75 -6.27 -26.82
CA PHE B 196 -25.52 -5.26 -27.54
C PHE B 196 -26.41 -4.44 -26.62
N LEU B 197 -26.18 -4.49 -25.31
CA LEU B 197 -27.06 -3.80 -24.37
C LEU B 197 -27.00 -2.30 -24.62
N TYR B 198 -28.17 -1.69 -24.81
CA TYR B 198 -28.24 -0.27 -25.11
C TYR B 198 -27.95 0.57 -23.86
N CYS B 199 -27.41 1.76 -24.11
CA CYS B 199 -27.11 2.73 -23.06
C CYS B 199 -27.78 4.06 -23.39
N LEU B 200 -28.72 4.50 -22.55
CA LEU B 200 -29.31 5.82 -22.76
C LEU B 200 -29.39 6.60 -21.46
N HIS B 201 -28.49 6.32 -20.51
CA HIS B 201 -28.36 7.03 -19.25
C HIS B 201 -26.89 7.18 -18.89
N ALA B 202 -26.62 8.12 -17.96
CA ALA B 202 -25.28 8.32 -17.46
C ALA B 202 -24.77 7.11 -16.67
N SER B 203 -25.67 6.42 -15.97
CA SER B 203 -25.28 5.31 -15.11
C SER B 203 -24.60 4.19 -15.88
N CYS B 204 -25.05 3.91 -17.11
CA CYS B 204 -24.58 2.78 -17.88
C CYS B 204 -23.35 3.08 -18.73
N SER B 205 -22.81 4.30 -18.65
CA SER B 205 -21.71 4.70 -19.52
C SER B 205 -20.33 4.37 -18.95
N VAL B 206 -20.25 3.92 -17.70
CA VAL B 206 -18.96 3.66 -17.06
C VAL B 206 -19.04 2.32 -16.34
N ILE B 207 -17.96 1.53 -16.40
CA ILE B 207 -17.88 0.27 -15.70
C ILE B 207 -16.61 0.26 -14.84
N LEU B 208 -16.74 -0.24 -13.61
CA LEU B 208 -15.61 -0.39 -12.70
C LEU B 208 -15.14 -1.84 -12.79
N ILE B 209 -13.84 -2.04 -12.98
CA ILE B 209 -13.32 -3.38 -13.18
C ILE B 209 -12.16 -3.65 -12.24
N ASN B 210 -12.09 -4.88 -11.73
CA ASN B 210 -11.06 -5.34 -10.81
C ASN B 210 -9.79 -5.75 -11.57
N SER B 211 -9.09 -4.74 -12.08
CA SER B 211 -7.82 -4.98 -12.76
C SER B 211 -6.99 -3.70 -12.73
N PHE B 212 -5.72 -3.83 -13.13
CA PHE B 212 -4.78 -2.72 -13.16
C PHE B 212 -4.11 -2.67 -14.53
N ARG B 213 -3.73 -1.46 -14.93
CA ARG B 213 -3.21 -1.24 -16.28
C ARG B 213 -1.89 -1.95 -16.54
N GLU B 214 -1.09 -2.18 -15.51
CA GLU B 214 0.23 -2.80 -15.74
C GLU B 214 0.07 -4.19 -16.31
N LEU B 215 -1.08 -4.83 -16.05
CA LEU B 215 -1.40 -6.16 -16.56
C LEU B 215 -2.32 -6.11 -17.77
N GLU B 216 -3.33 -5.24 -17.76
CA GLU B 216 -4.35 -5.21 -18.81
C GLU B 216 -4.59 -3.81 -19.37
N GLY B 217 -3.55 -2.98 -19.44
CA GLY B 217 -3.78 -1.60 -19.84
C GLY B 217 -4.25 -1.48 -21.28
N LYS B 218 -3.60 -2.19 -22.20
CA LYS B 218 -3.98 -2.13 -23.60
C LYS B 218 -5.37 -2.72 -23.81
N TYR B 219 -5.68 -3.80 -23.09
CA TYR B 219 -6.98 -4.44 -23.19
C TYR B 219 -8.10 -3.53 -22.70
N MET B 220 -7.85 -2.77 -21.63
CA MET B 220 -8.87 -1.85 -21.14
C MET B 220 -9.15 -0.76 -22.17
N ASP B 221 -8.09 -0.27 -22.82
CA ASP B 221 -8.27 0.73 -23.87
C ASP B 221 -9.10 0.16 -25.00
N TYR B 222 -8.80 -1.09 -25.38
CA TYR B 222 -9.55 -1.75 -26.45
C TYR B 222 -11.00 -1.97 -26.03
N LEU B 223 -11.23 -2.43 -24.79
CA LEU B 223 -12.59 -2.69 -24.35
C LEU B 223 -13.39 -1.39 -24.34
N SER B 224 -12.74 -0.29 -23.95
CA SER B 224 -13.42 0.99 -23.92
C SER B 224 -13.92 1.39 -25.30
N VAL B 225 -13.08 1.16 -26.31
CA VAL B 225 -13.45 1.46 -27.70
C VAL B 225 -14.58 0.56 -28.16
N LEU B 226 -14.50 -0.73 -27.83
CA LEU B 226 -15.51 -1.69 -28.30
C LEU B 226 -16.87 -1.40 -27.69
N LEU B 227 -16.89 -1.02 -26.41
CA LEU B 227 -18.14 -0.80 -25.69
C LEU B 227 -18.64 0.63 -25.74
N ASN B 228 -17.77 1.59 -26.12
CA ASN B 228 -18.09 3.01 -26.07
C ASN B 228 -18.45 3.41 -24.64
N LYS B 229 -17.75 2.82 -23.69
CA LYS B 229 -17.91 3.10 -22.28
C LYS B 229 -16.53 3.29 -21.67
N LYS B 230 -16.44 4.16 -20.69
CA LYS B 230 -15.17 4.31 -20.00
C LYS B 230 -14.99 3.12 -19.07
N VAL B 231 -13.78 2.58 -19.04
CA VAL B 231 -13.43 1.47 -18.17
C VAL B 231 -12.56 2.04 -17.06
N VAL B 232 -13.06 1.99 -15.84
CA VAL B 232 -12.39 2.54 -14.67
C VAL B 232 -11.78 1.38 -13.88
N PRO B 233 -10.45 1.30 -13.77
CA PRO B 233 -9.84 0.21 -13.00
C PRO B 233 -9.73 0.55 -11.52
N VAL B 234 -10.21 -0.35 -10.66
CA VAL B 234 -10.26 -0.11 -9.23
C VAL B 234 -9.52 -1.19 -8.45
N GLY B 235 -8.64 -1.94 -9.13
CA GLY B 235 -7.98 -3.05 -8.50
C GLY B 235 -6.47 -2.97 -8.56
N PRO B 236 -5.79 -4.01 -8.09
CA PRO B 236 -6.37 -5.23 -7.51
C PRO B 236 -6.97 -5.03 -6.12
N LEU B 237 -8.11 -5.65 -5.88
CA LEU B 237 -8.74 -5.65 -4.57
C LEU B 237 -8.40 -6.98 -3.90
N VAL B 238 -7.29 -6.99 -3.18
CA VAL B 238 -6.80 -8.17 -2.47
C VAL B 238 -6.85 -7.88 -0.99
N TYR B 239 -7.16 -8.90 -0.20
CA TYR B 239 -7.31 -8.76 1.24
C TYR B 239 -6.00 -9.18 1.90
N GLU B 240 -5.50 -8.33 2.81
CA GLU B 240 -4.32 -8.65 3.62
C GLU B 240 -4.74 -9.35 4.90
N PRO B 241 -4.20 -10.54 5.21
CA PRO B 241 -4.47 -11.22 6.47
C PRO B 241 -3.55 -10.76 7.60
N GLU B 246 -8.56 -15.08 13.40
CA GLU B 246 -8.92 -16.49 13.56
C GLU B 246 -7.67 -17.37 13.53
N ASP B 247 -6.93 -17.33 14.64
CA ASP B 247 -5.66 -18.05 14.74
C ASP B 247 -5.83 -19.56 14.52
N GLU B 248 -7.02 -20.09 14.79
CA GLU B 248 -7.23 -21.54 14.82
C GLU B 248 -6.89 -22.21 13.49
N GLY B 249 -7.30 -21.62 12.37
CA GLY B 249 -7.13 -22.30 11.08
C GLY B 249 -5.68 -22.47 10.67
N TYR B 250 -4.87 -21.43 10.86
CA TYR B 250 -3.50 -21.37 10.35
C TYR B 250 -2.46 -21.93 11.30
N SER B 251 -2.81 -22.17 12.57
CA SER B 251 -1.80 -22.52 13.58
C SER B 251 -1.07 -23.82 13.26
N SER B 252 -1.82 -24.87 12.92
CA SER B 252 -1.16 -26.13 12.55
C SER B 252 -0.37 -25.98 11.27
N ILE B 253 -0.90 -25.26 10.28
CA ILE B 253 -0.25 -25.13 8.99
C ILE B 253 1.03 -24.33 9.14
N LYS B 254 1.01 -23.27 9.97
CA LYS B 254 2.17 -22.40 10.10
C LYS B 254 3.36 -23.18 10.65
N ASN B 255 3.14 -24.02 11.66
CA ASN B 255 4.22 -24.81 12.21
C ASN B 255 4.75 -25.79 11.16
N TRP B 256 3.83 -26.41 10.41
CA TRP B 256 4.24 -27.39 9.41
C TRP B 256 5.11 -26.71 8.36
N LEU B 257 4.67 -25.54 7.90
CA LEU B 257 5.42 -24.78 6.90
C LEU B 257 6.75 -24.34 7.48
N ASP B 258 6.75 -24.00 8.77
CA ASP B 258 7.95 -23.45 9.40
C ASP B 258 9.09 -24.45 9.38
N LYS B 259 8.78 -25.74 9.26
CA LYS B 259 9.79 -26.79 9.32
C LYS B 259 10.32 -27.09 7.93
N LYS B 260 10.01 -26.23 6.96
CA LYS B 260 10.35 -26.38 5.56
C LYS B 260 11.29 -25.26 5.13
N GLU B 261 12.18 -25.58 4.18
CA GLU B 261 13.15 -24.60 3.75
C GLU B 261 12.47 -23.56 2.85
N PRO B 262 13.09 -22.38 2.67
CA PRO B 262 12.43 -21.29 1.95
C PRO B 262 12.13 -21.59 0.49
N SER B 263 10.95 -21.14 0.05
CA SER B 263 10.48 -21.27 -1.35
C SER B 263 10.51 -22.71 -1.83
N SER B 264 10.14 -23.64 -0.96
CA SER B 264 10.20 -25.06 -1.25
C SER B 264 8.83 -25.73 -1.30
N THR B 265 7.74 -25.00 -1.07
CA THR B 265 6.42 -25.59 -0.98
C THR B 265 5.46 -24.87 -1.95
N VAL B 266 4.49 -25.64 -2.45
CA VAL B 266 3.51 -25.13 -3.39
C VAL B 266 2.13 -25.30 -2.78
N PHE B 267 1.23 -24.35 -3.05
CA PHE B 267 -0.15 -24.43 -2.60
C PHE B 267 -0.99 -24.84 -3.81
N VAL B 268 -1.88 -25.81 -3.61
CA VAL B 268 -2.70 -26.36 -4.70
C VAL B 268 -4.15 -26.09 -4.40
N SER B 269 -4.82 -25.33 -5.27
CA SER B 269 -6.21 -24.98 -5.09
C SER B 269 -6.86 -24.85 -6.47
N PHE B 270 -8.11 -25.31 -6.56
CA PHE B 270 -8.89 -25.21 -7.79
C PHE B 270 -10.16 -24.40 -7.61
N GLY B 271 -10.32 -23.74 -6.47
CA GLY B 271 -11.39 -22.79 -6.27
C GLY B 271 -12.44 -23.30 -5.30
N SER B 272 -13.44 -22.46 -5.09
CA SER B 272 -14.58 -22.76 -4.23
C SER B 272 -15.76 -23.37 -4.98
N GLU B 273 -15.79 -23.28 -6.31
CA GLU B 273 -16.94 -23.75 -7.07
C GLU B 273 -16.62 -24.76 -8.17
N TYR B 274 -15.40 -25.30 -8.24
CA TYR B 274 -15.05 -26.33 -9.23
C TYR B 274 -14.52 -27.56 -8.53
N PHE B 275 -15.05 -28.72 -8.89
CA PHE B 275 -14.61 -29.98 -8.32
C PHE B 275 -13.92 -30.85 -9.36
N PRO B 276 -12.61 -31.00 -9.31
CA PRO B 276 -11.89 -31.75 -10.35
C PRO B 276 -12.26 -33.23 -10.38
N SER B 277 -12.13 -33.80 -11.57
CA SER B 277 -12.48 -35.18 -11.84
C SER B 277 -11.48 -36.14 -11.18
N LYS B 278 -11.88 -37.42 -11.15
CA LYS B 278 -10.98 -38.45 -10.62
C LYS B 278 -9.71 -38.54 -11.46
N GLU B 279 -9.86 -38.51 -12.79
CA GLU B 279 -8.70 -38.53 -13.67
C GLU B 279 -7.86 -37.26 -13.51
N GLU B 280 -8.53 -36.11 -13.42
CA GLU B 280 -7.80 -34.85 -13.36
C GLU B 280 -6.92 -34.77 -12.11
N MET B 281 -7.46 -35.17 -10.96
CA MET B 281 -6.67 -35.10 -9.72
C MET B 281 -5.62 -36.21 -9.68
N GLU B 282 -5.85 -37.30 -10.42
CA GLU B 282 -4.86 -38.36 -10.50
C GLU B 282 -3.58 -37.84 -11.15
N GLU B 283 -3.72 -37.05 -12.22
CA GLU B 283 -2.55 -36.51 -12.90
C GLU B 283 -1.85 -35.47 -12.03
N ILE B 284 -2.64 -34.58 -11.40
CA ILE B 284 -2.05 -33.53 -10.59
C ILE B 284 -1.30 -34.16 -9.42
N ALA B 285 -1.89 -35.20 -8.82
CA ALA B 285 -1.24 -35.85 -7.68
C ALA B 285 0.05 -36.54 -8.14
N HIS B 286 -0.01 -37.28 -9.24
CA HIS B 286 1.18 -37.94 -9.75
C HIS B 286 2.22 -36.90 -10.18
N GLY B 287 1.76 -35.79 -10.76
CA GLY B 287 2.66 -34.72 -11.10
C GLY B 287 3.34 -34.15 -9.87
N LEU B 288 2.56 -33.96 -8.80
CA LEU B 288 3.11 -33.46 -7.55
C LEU B 288 4.12 -34.45 -6.97
N GLU B 289 3.80 -35.74 -7.03
CA GLU B 289 4.67 -36.77 -6.46
C GLU B 289 5.99 -36.83 -7.20
N ALA B 290 5.94 -36.76 -8.54
CA ALA B 290 7.16 -36.85 -9.34
C ALA B 290 8.07 -35.65 -9.10
N SER B 291 7.49 -34.46 -8.98
CA SER B 291 8.30 -33.25 -8.83
C SER B 291 9.13 -33.29 -7.55
N GLU B 292 8.65 -34.00 -6.52
CA GLU B 292 9.32 -34.16 -5.23
C GLU B 292 9.21 -32.89 -4.39
N VAL B 293 8.28 -32.02 -4.72
CA VAL B 293 8.10 -30.75 -4.03
C VAL B 293 7.20 -30.94 -2.82
N ASN B 294 7.36 -30.05 -1.84
CA ASN B 294 6.44 -30.02 -0.72
C ASN B 294 5.16 -29.33 -1.17
N PHE B 295 4.02 -29.80 -0.70
CA PHE B 295 2.78 -29.17 -1.16
C PHE B 295 1.70 -29.15 -0.09
N ILE B 296 0.91 -28.08 -0.14
CA ILE B 296 -0.31 -27.93 0.64
C ILE B 296 -1.43 -27.94 -0.38
N TRP B 297 -2.28 -28.95 -0.33
CA TRP B 297 -3.34 -29.13 -1.30
C TRP B 297 -4.67 -29.07 -0.57
N VAL B 298 -5.49 -28.11 -0.93
CA VAL B 298 -6.86 -28.05 -0.43
C VAL B 298 -7.73 -28.84 -1.39
N VAL B 299 -8.36 -29.89 -0.87
CA VAL B 299 -9.26 -30.73 -1.65
C VAL B 299 -10.67 -30.51 -1.12
N ARG B 300 -11.63 -30.46 -2.02
CA ARG B 300 -13.00 -30.13 -1.66
C ARG B 300 -13.95 -31.15 -2.27
N PHE B 301 -15.11 -31.29 -1.64
CA PHE B 301 -16.19 -32.15 -2.10
C PHE B 301 -17.48 -31.34 -2.08
N PRO B 302 -18.45 -31.67 -2.94
CA PRO B 302 -19.69 -30.91 -2.94
C PRO B 302 -20.33 -31.02 -1.58
N GLN B 303 -21.04 -29.97 -1.17
CA GLN B 303 -21.57 -29.91 0.19
C GLN B 303 -22.40 -31.15 0.48
N GLY B 304 -22.07 -31.85 1.56
CA GLY B 304 -22.81 -33.01 2.00
C GLY B 304 -22.78 -34.14 0.99
N GLU B 311 -8.82 -40.28 0.11
CA GLU B 311 -8.24 -41.60 -0.16
C GLU B 311 -8.94 -42.24 -1.35
N ASP B 312 -10.25 -41.98 -1.47
CA ASP B 312 -11.04 -42.50 -2.57
C ASP B 312 -11.08 -41.56 -3.77
N ALA B 313 -10.56 -40.33 -3.60
CA ALA B 313 -10.48 -39.34 -4.67
C ALA B 313 -9.10 -39.27 -5.30
N LEU B 314 -8.07 -39.55 -4.52
CA LEU B 314 -6.68 -39.58 -4.97
C LEU B 314 -6.29 -41.00 -5.35
N PRO B 315 -5.17 -41.18 -6.04
CA PRO B 315 -4.68 -42.54 -6.30
C PRO B 315 -4.27 -43.20 -4.99
N LYS B 316 -4.42 -44.53 -4.95
CA LYS B 316 -4.14 -45.25 -3.71
C LYS B 316 -2.66 -45.14 -3.36
N GLY B 317 -2.38 -44.84 -2.09
CA GLY B 317 -1.02 -44.81 -1.61
C GLY B 317 -0.32 -43.49 -1.84
N PHE B 318 -0.92 -42.59 -2.63
CA PHE B 318 -0.27 -41.36 -3.03
C PHE B 318 0.26 -40.56 -1.84
N LEU B 319 -0.59 -40.28 -0.85
CA LEU B 319 -0.12 -39.47 0.27
C LEU B 319 0.86 -40.23 1.14
N GLU B 320 0.74 -41.55 1.26
CA GLU B 320 1.71 -42.24 2.10
C GLU B 320 3.11 -42.07 1.52
N ARG B 321 3.26 -42.25 0.21
CA ARG B 321 4.56 -42.19 -0.44
C ARG B 321 5.26 -40.85 -0.14
N ALA B 322 4.50 -39.77 0.01
CA ALA B 322 5.03 -38.48 0.44
C ALA B 322 4.59 -38.23 1.88
N GLY B 323 5.54 -38.06 2.79
CA GLY B 323 5.16 -38.00 4.18
C GLY B 323 4.99 -36.57 4.62
N GLU B 324 6.08 -35.90 4.99
CA GLU B 324 5.94 -34.51 5.39
C GLU B 324 6.11 -33.60 4.19
N ARG B 325 6.32 -34.19 3.01
CA ARG B 325 6.34 -33.41 1.77
C ARG B 325 4.95 -32.86 1.48
N GLY B 326 3.91 -33.62 1.77
CA GLY B 326 2.55 -33.23 1.40
C GLY B 326 1.60 -33.21 2.57
N MET B 327 0.70 -32.23 2.52
CA MET B 327 -0.43 -32.10 3.44
C MET B 327 -1.67 -31.86 2.60
N VAL B 328 -2.78 -32.47 2.99
CA VAL B 328 -4.07 -32.20 2.37
C VAL B 328 -5.01 -31.61 3.42
N VAL B 329 -5.52 -30.42 3.13
CA VAL B 329 -6.45 -29.71 4.00
C VAL B 329 -7.82 -29.87 3.38
N LYS B 330 -8.80 -30.24 4.19
CA LYS B 330 -10.13 -30.52 3.67
C LYS B 330 -11.07 -29.35 3.91
N GLY B 331 -11.86 -29.02 2.90
CA GLY B 331 -12.85 -27.97 2.97
C GLY B 331 -12.38 -26.56 2.65
N TRP B 332 -11.51 -25.99 3.49
CA TRP B 332 -11.12 -24.60 3.31
C TRP B 332 -9.75 -24.42 3.95
N ALA B 333 -8.94 -23.52 3.39
CA ALA B 333 -7.59 -23.31 3.86
C ALA B 333 -7.30 -21.82 3.98
N PRO B 334 -6.31 -21.43 4.78
CA PRO B 334 -5.88 -20.01 4.83
C PRO B 334 -4.98 -19.70 3.63
N GLN B 335 -5.61 -19.47 2.48
CA GLN B 335 -4.86 -19.31 1.24
C GLN B 335 -3.92 -18.11 1.30
N ALA B 336 -4.41 -16.98 1.83
CA ALA B 336 -3.60 -15.77 1.83
C ALA B 336 -2.38 -15.95 2.73
N LYS B 337 -2.57 -16.57 3.90
CA LYS B 337 -1.48 -16.73 4.85
C LYS B 337 -0.44 -17.72 4.31
N ILE B 338 -0.91 -18.81 3.69
CA ILE B 338 0.00 -19.80 3.13
C ILE B 338 0.84 -19.18 2.02
N LEU B 339 0.21 -18.37 1.17
CA LEU B 339 0.94 -17.76 0.05
C LEU B 339 2.01 -16.79 0.54
N LYS B 340 1.73 -16.06 1.62
CA LYS B 340 2.66 -15.07 2.15
C LYS B 340 3.86 -15.69 2.85
N HIS B 341 3.76 -16.93 3.34
CA HIS B 341 4.87 -17.54 4.06
C HIS B 341 6.10 -17.66 3.16
N TRP B 342 7.28 -17.53 3.76
CA TRP B 342 8.53 -17.60 3.02
C TRP B 342 8.80 -18.99 2.47
N SER B 343 8.17 -20.01 3.04
CA SER B 343 8.33 -21.37 2.52
C SER B 343 7.58 -21.59 1.22
N THR B 344 6.64 -20.71 0.87
CA THR B 344 5.82 -20.90 -0.33
C THR B 344 6.50 -20.22 -1.50
N GLY B 345 6.86 -21.01 -2.51
CA GLY B 345 7.55 -20.51 -3.68
C GLY B 345 6.81 -20.83 -4.96
N GLY B 346 5.65 -21.48 -4.86
CA GLY B 346 4.86 -21.78 -6.05
C GLY B 346 3.39 -21.93 -5.69
N PHE B 347 2.56 -21.70 -6.70
CA PHE B 347 1.10 -21.82 -6.57
C PHE B 347 0.55 -22.58 -7.78
N VAL B 348 0.11 -23.81 -7.55
CA VAL B 348 -0.59 -24.58 -8.58
C VAL B 348 -2.06 -24.18 -8.51
N SER B 349 -2.53 -23.48 -9.53
CA SER B 349 -3.84 -22.87 -9.49
C SER B 349 -4.65 -23.16 -10.74
N HIS B 350 -5.96 -23.02 -10.57
CA HIS B 350 -6.89 -23.15 -11.68
C HIS B 350 -6.99 -21.82 -12.42
N CYS B 351 -6.19 -20.85 -11.98
CA CYS B 351 -6.10 -19.50 -12.57
C CYS B 351 -7.41 -18.72 -12.42
N GLY B 352 -8.05 -18.82 -11.26
CA GLY B 352 -9.17 -17.96 -10.97
C GLY B 352 -8.68 -16.55 -10.71
N TRP B 353 -9.51 -15.56 -11.05
CA TRP B 353 -9.01 -14.18 -11.06
C TRP B 353 -8.48 -13.77 -9.69
N ASN B 354 -9.24 -14.07 -8.62
CA ASN B 354 -8.82 -13.62 -7.30
C ASN B 354 -7.54 -14.33 -6.87
N SER B 355 -7.43 -15.62 -7.19
CA SER B 355 -6.23 -16.37 -6.84
C SER B 355 -5.02 -15.84 -7.63
N VAL B 356 -5.23 -15.47 -8.89
CA VAL B 356 -4.17 -14.86 -9.69
C VAL B 356 -3.76 -13.52 -9.08
N MET B 357 -4.74 -12.69 -8.72
CA MET B 357 -4.42 -11.38 -8.20
C MET B 357 -3.67 -11.50 -6.88
N GLU B 358 -4.05 -12.47 -6.06
CA GLU B 358 -3.39 -12.68 -4.78
C GLU B 358 -1.94 -13.08 -4.99
N SER B 359 -1.71 -13.97 -5.97
CA SER B 359 -0.35 -14.43 -6.24
C SER B 359 0.55 -13.30 -6.73
N MET B 360 0.03 -12.44 -7.62
CA MET B 360 0.84 -11.35 -8.16
C MET B 360 1.17 -10.33 -7.08
N MET B 361 0.22 -10.04 -6.20
CA MET B 361 0.48 -9.14 -5.08
C MET B 361 1.50 -9.74 -4.11
N PHE B 362 1.41 -11.04 -3.87
CA PHE B 362 2.27 -11.71 -2.89
C PHE B 362 3.56 -12.22 -3.52
N GLY B 363 3.69 -12.18 -4.84
CA GLY B 363 4.92 -12.53 -5.51
C GLY B 363 5.20 -14.02 -5.63
N VAL B 364 4.16 -14.86 -5.57
CA VAL B 364 4.32 -16.30 -5.76
C VAL B 364 4.15 -16.61 -7.24
N PRO B 365 5.12 -17.25 -7.90
CA PRO B 365 4.92 -17.64 -9.29
C PRO B 365 3.79 -18.66 -9.41
N ILE B 366 3.05 -18.56 -10.53
CA ILE B 366 1.85 -19.36 -10.74
C ILE B 366 2.15 -20.53 -11.67
N ILE B 367 1.77 -21.74 -11.24
CA ILE B 367 1.78 -22.93 -12.08
C ILE B 367 0.31 -23.17 -12.38
N GLY B 368 -0.07 -23.02 -13.65
CA GLY B 368 -1.48 -22.96 -14.01
C GLY B 368 -2.01 -24.24 -14.63
N VAL B 369 -3.12 -24.71 -14.07
CA VAL B 369 -3.87 -25.85 -14.60
C VAL B 369 -5.32 -25.39 -14.79
N PRO B 370 -5.59 -24.57 -15.80
CA PRO B 370 -6.94 -23.99 -15.96
C PRO B 370 -7.97 -25.08 -16.22
N MET B 371 -9.18 -24.87 -15.70
CA MET B 371 -10.21 -25.90 -15.82
C MET B 371 -11.38 -25.50 -16.72
N HIS B 372 -11.88 -24.26 -16.64
CA HIS B 372 -13.05 -23.86 -17.41
C HIS B 372 -13.21 -22.34 -17.29
N VAL B 373 -14.31 -21.84 -17.87
CA VAL B 373 -14.71 -20.43 -17.93
C VAL B 373 -13.54 -19.53 -18.35
N ASP B 374 -13.26 -18.49 -17.57
CA ASP B 374 -12.24 -17.51 -17.96
C ASP B 374 -10.83 -17.96 -17.59
N GLN B 375 -10.71 -19.07 -16.87
CA GLN B 375 -9.40 -19.52 -16.42
C GLN B 375 -8.42 -19.78 -17.56
N PRO B 376 -8.80 -20.38 -18.70
CA PRO B 376 -7.82 -20.55 -19.78
C PRO B 376 -7.19 -19.24 -20.19
N PHE B 377 -8.00 -18.16 -20.31
CA PHE B 377 -7.47 -16.88 -20.72
C PHE B 377 -6.58 -16.28 -19.64
N ASN B 378 -6.97 -16.43 -18.37
CA ASN B 378 -6.18 -15.87 -17.29
C ASN B 378 -4.78 -16.48 -17.27
N ALA B 379 -4.69 -17.78 -17.55
CA ALA B 379 -3.37 -18.42 -17.60
C ALA B 379 -2.52 -17.86 -18.73
N GLY B 380 -3.13 -17.57 -19.88
CA GLY B 380 -2.39 -16.95 -20.95
C GLY B 380 -1.92 -15.57 -20.55
N LEU B 381 -2.72 -14.86 -19.76
CA LEU B 381 -2.33 -13.49 -19.31
C LEU B 381 -1.21 -13.60 -18.30
N VAL B 382 -1.22 -14.66 -17.51
CA VAL B 382 -0.14 -14.88 -16.51
C VAL B 382 1.18 -15.11 -17.25
N GLU B 383 1.22 -16.05 -18.19
CA GLU B 383 2.46 -16.36 -18.95
C GLU B 383 2.95 -15.13 -19.73
N GLU B 384 2.06 -14.39 -20.39
CA GLU B 384 2.40 -13.15 -21.12
C GLU B 384 3.21 -12.24 -20.23
N ALA B 385 2.95 -12.24 -18.93
CA ALA B 385 3.62 -11.32 -17.99
C ALA B 385 4.95 -11.89 -17.49
N GLY B 386 5.16 -13.21 -17.62
CA GLY B 386 6.39 -13.84 -17.11
C GLY B 386 6.30 -14.10 -15.64
N VAL B 387 5.10 -14.09 -15.09
CA VAL B 387 4.90 -14.26 -13.64
C VAL B 387 4.38 -15.67 -13.40
N GLY B 388 4.26 -16.46 -14.45
CA GLY B 388 3.74 -17.81 -14.29
C GLY B 388 4.01 -18.64 -15.51
N VAL B 389 3.74 -19.93 -15.36
CA VAL B 389 3.84 -20.92 -16.44
C VAL B 389 2.55 -21.72 -16.44
N GLU B 390 2.18 -22.21 -17.62
CA GLU B 390 0.93 -22.95 -17.79
C GLU B 390 1.22 -24.38 -18.20
N ALA B 391 0.56 -25.33 -17.54
CA ALA B 391 0.64 -26.73 -17.91
C ALA B 391 -0.31 -26.95 -19.08
N LYS B 392 0.24 -27.26 -20.24
CA LYS B 392 -0.57 -27.41 -21.44
C LYS B 392 -1.30 -28.75 -21.41
N ARG B 393 -2.48 -28.77 -22.00
CA ARG B 393 -3.25 -30.00 -22.10
C ARG B 393 -2.95 -30.70 -23.42
N ASP B 394 -3.22 -32.00 -23.45
CA ASP B 394 -3.04 -32.76 -24.66
C ASP B 394 -4.19 -32.42 -25.61
N PRO B 395 -4.12 -32.85 -26.88
CA PRO B 395 -5.18 -32.46 -27.82
C PRO B 395 -6.57 -32.88 -27.39
N ASP B 396 -6.68 -33.93 -26.57
CA ASP B 396 -7.97 -34.41 -26.12
C ASP B 396 -8.45 -33.68 -24.87
N GLY B 397 -7.71 -32.66 -24.42
CA GLY B 397 -8.15 -31.85 -23.30
C GLY B 397 -7.87 -32.45 -21.94
N LYS B 398 -6.77 -33.19 -21.79
CA LYS B 398 -6.46 -33.89 -20.55
C LYS B 398 -5.22 -33.32 -19.89
N ILE B 399 -5.25 -33.29 -18.55
CA ILE B 399 -4.09 -32.86 -17.77
C ILE B 399 -2.97 -33.88 -17.94
N GLN B 400 -1.73 -33.41 -17.92
CA GLN B 400 -0.56 -34.25 -18.09
C GLN B 400 0.33 -34.15 -16.87
N ARG B 401 0.64 -35.29 -16.26
CA ARG B 401 1.42 -35.29 -15.02
C ARG B 401 2.85 -34.81 -15.25
N ASP B 402 3.47 -35.25 -16.36
CA ASP B 402 4.86 -34.88 -16.60
C ASP B 402 5.01 -33.39 -16.83
N GLU B 403 4.06 -32.78 -17.54
CA GLU B 403 4.11 -31.33 -17.71
C GLU B 403 3.95 -30.63 -16.37
N VAL B 404 3.06 -31.17 -15.52
CA VAL B 404 2.86 -30.62 -14.18
C VAL B 404 4.16 -30.72 -13.39
N ALA B 405 4.80 -31.88 -13.44
CA ALA B 405 6.03 -32.12 -12.70
C ALA B 405 7.16 -31.22 -13.19
N LYS B 406 7.27 -31.06 -14.51
CA LYS B 406 8.39 -30.32 -15.08
C LYS B 406 8.43 -28.88 -14.58
N LEU B 407 7.29 -28.19 -14.65
CA LEU B 407 7.26 -26.79 -14.26
C LEU B 407 7.46 -26.61 -12.76
N ILE B 408 6.90 -27.52 -11.96
CA ILE B 408 7.14 -27.46 -10.52
C ILE B 408 8.63 -27.63 -10.22
N LYS B 409 9.27 -28.59 -10.89
CA LYS B 409 10.71 -28.78 -10.72
C LYS B 409 11.47 -27.55 -11.18
N GLU B 410 11.12 -27.04 -12.36
CA GLU B 410 11.85 -25.91 -12.94
C GLU B 410 11.69 -24.65 -12.09
N VAL B 411 10.46 -24.32 -11.72
CA VAL B 411 10.21 -23.06 -11.03
C VAL B 411 10.49 -23.16 -9.53
N VAL B 412 10.08 -24.25 -8.89
CA VAL B 412 10.13 -24.37 -7.44
C VAL B 412 11.25 -25.30 -6.96
N VAL B 413 11.30 -26.54 -7.45
CA VAL B 413 12.21 -27.52 -6.87
C VAL B 413 13.66 -27.21 -7.23
N GLU B 414 13.97 -27.05 -8.52
CA GLU B 414 15.35 -26.85 -8.92
C GLU B 414 15.65 -25.41 -9.33
N LYS B 415 14.61 -24.57 -9.40
CA LYS B 415 14.75 -23.12 -9.63
C LYS B 415 15.61 -22.78 -10.84
N THR B 416 15.34 -23.45 -11.96
CA THR B 416 16.07 -23.21 -13.19
C THR B 416 15.40 -22.16 -14.04
N ARG B 417 14.26 -21.64 -13.60
CA ARG B 417 13.51 -20.58 -14.27
C ARG B 417 13.44 -19.41 -13.30
N GLU B 418 14.54 -18.67 -13.21
CA GLU B 418 14.58 -17.49 -12.36
C GLU B 418 13.96 -16.26 -13.02
N ASP B 419 13.77 -16.31 -14.35
CA ASP B 419 13.07 -15.23 -15.03
C ASP B 419 11.64 -15.10 -14.49
N VAL B 420 10.96 -16.22 -14.29
CA VAL B 420 9.58 -16.16 -13.83
C VAL B 420 9.53 -15.62 -12.41
N ARG B 421 10.47 -16.04 -11.57
CA ARG B 421 10.48 -15.60 -10.18
C ARG B 421 10.78 -14.10 -10.07
N LYS B 422 11.82 -13.63 -10.76
CA LYS B 422 12.16 -12.21 -10.70
C LYS B 422 11.01 -11.35 -11.22
N LYS B 423 10.39 -11.76 -12.32
CA LYS B 423 9.31 -10.96 -12.89
C LYS B 423 8.12 -10.92 -11.94
N ALA B 424 7.85 -12.03 -11.27
CA ALA B 424 6.78 -12.04 -10.28
C ALA B 424 7.12 -11.12 -9.12
N ARG B 425 8.39 -11.12 -8.70
CA ARG B 425 8.80 -10.31 -7.56
C ARG B 425 8.62 -8.82 -7.87
N GLU B 426 8.98 -8.42 -9.09
CA GLU B 426 8.82 -7.02 -9.49
C GLU B 426 7.35 -6.65 -9.59
N MET B 427 6.51 -7.57 -10.07
CA MET B 427 5.07 -7.33 -10.12
C MET B 427 4.50 -7.11 -8.73
N SER B 428 4.96 -7.88 -7.75
CA SER B 428 4.50 -7.68 -6.38
C SER B 428 4.87 -6.28 -5.91
N GLU B 429 6.11 -5.85 -6.19
CA GLU B 429 6.53 -4.51 -5.81
C GLU B 429 5.68 -3.46 -6.51
N ILE B 430 5.34 -3.70 -7.78
CA ILE B 430 4.55 -2.73 -8.54
C ILE B 430 3.18 -2.58 -7.91
N LEU B 431 2.56 -3.70 -7.55
CA LEU B 431 1.24 -3.66 -6.94
C LEU B 431 1.32 -3.03 -5.55
N ARG B 432 2.37 -3.35 -4.80
CA ARG B 432 2.54 -2.81 -3.45
C ARG B 432 2.68 -1.30 -3.46
N SER B 433 3.34 -0.75 -4.48
CA SER B 433 3.59 0.68 -4.55
C SER B 433 2.33 1.50 -4.73
N LYS B 434 1.21 0.88 -5.11
CA LYS B 434 -0.02 1.62 -5.31
C LYS B 434 -0.63 1.97 -3.96
N GLY B 435 -1.27 3.14 -3.92
CA GLY B 435 -1.82 3.66 -2.68
C GLY B 435 -3.28 3.99 -2.82
N GLU B 436 -3.68 5.08 -2.18
CA GLU B 436 -5.10 5.44 -2.17
C GLU B 436 -5.54 6.02 -3.50
N GLU B 437 -4.62 6.28 -4.42
CA GLU B 437 -4.95 6.84 -5.72
C GLU B 437 -5.71 5.83 -6.56
N LYS B 438 -5.75 4.58 -6.10
CA LYS B 438 -6.38 3.49 -6.83
C LYS B 438 -7.86 3.76 -7.04
N PHE B 439 -8.48 4.48 -6.12
CA PHE B 439 -9.93 4.69 -6.15
C PHE B 439 -10.27 6.13 -6.52
N ASP B 440 -9.28 6.94 -6.88
CA ASP B 440 -9.54 8.36 -7.15
C ASP B 440 -10.43 8.51 -8.37
N GLU B 441 -10.17 7.74 -9.43
CA GLU B 441 -10.95 7.82 -10.65
C GLU B 441 -12.40 7.40 -10.42
N MET B 442 -12.60 6.36 -9.61
CA MET B 442 -13.96 5.90 -9.32
C MET B 442 -14.77 6.99 -8.62
N VAL B 443 -14.17 7.66 -7.64
CA VAL B 443 -14.90 8.68 -6.89
C VAL B 443 -15.32 9.82 -7.80
N ALA B 444 -14.46 10.17 -8.77
CA ALA B 444 -14.79 11.23 -9.70
C ALA B 444 -16.02 10.87 -10.52
N GLU B 445 -16.07 9.65 -11.03
CA GLU B 445 -17.22 9.24 -11.84
C GLU B 445 -18.47 9.14 -10.99
N ILE B 446 -18.34 8.63 -9.76
CA ILE B 446 -19.50 8.50 -8.89
C ILE B 446 -20.07 9.88 -8.58
N SER B 447 -19.20 10.85 -8.29
CA SER B 447 -19.67 12.18 -7.94
C SER B 447 -20.46 12.80 -9.08
N LEU B 448 -19.91 12.74 -10.30
CA LEU B 448 -20.60 13.36 -11.43
C LEU B 448 -21.94 12.68 -11.67
N LEU B 449 -21.97 11.35 -11.59
CA LEU B 449 -23.18 10.62 -11.89
C LEU B 449 -24.28 10.98 -10.90
N LEU B 450 -23.93 11.07 -9.62
CA LEU B 450 -24.93 11.36 -8.60
C LEU B 450 -25.56 12.72 -8.84
N LYS B 451 -24.73 13.73 -9.06
CA LYS B 451 -25.22 15.09 -9.28
C LYS B 451 -26.03 15.21 -10.57
N ILE B 452 -25.62 14.52 -11.64
CA ILE B 452 -26.34 14.67 -12.92
C ILE B 452 -27.79 14.23 -12.79
N GLU B 453 -28.05 13.05 -12.22
CA GLU B 453 -29.46 12.69 -12.08
C GLU B 453 -30.15 13.52 -10.99
N HIS B 454 -29.44 13.78 -9.90
CA HIS B 454 -30.03 14.52 -8.79
C HIS B 454 -30.30 15.97 -9.18
#